data_8WE0
#
_entry.id   8WE0
#
_cell.length_a   1.00
_cell.length_b   1.00
_cell.length_c   1.00
_cell.angle_alpha   90.00
_cell.angle_beta   90.00
_cell.angle_gamma   90.00
#
_symmetry.space_group_name_H-M   'P 1'
#
loop_
_entity.id
_entity.type
_entity.pdbx_description
1 polymer 'Angiotensin-converting enzyme 2'
2 polymer "Spike protein S2'"
3 branched 2-acetamido-2-deoxy-beta-D-glucopyranose-(1-4)-[alpha-L-fucopyranose-(1-6)]2-acetamido-2-deoxy-beta-D-glucopyranose
4 non-polymer 2-acetamido-2-deoxy-beta-D-glucopyranose
5 non-polymer 'ZINC ION'
#
loop_
_entity_poly.entity_id
_entity_poly.type
_entity_poly.pdbx_seq_one_letter_code
_entity_poly.pdbx_strand_id
1 'polypeptide(L)'
;MSSSSWLLLSLVAVTAAQSTIEEQAKTFLDKFNHEAEDLFYQSSLASWNYNTNITEENVQNMNNAGDKWSAFLKEQSTLA
QMYPLQEIQNLTVKLQLQALQQNGSSVLSEDKSKRLNTILNTMSTIYSTGKVCNPDNPQECLLLEPGLNEIMANSLDYNE
RLWAWESWRSEVGKQLRPLYEEYVVLKNEMARANHYEDYGDYWRGDYEVNGVDGYDYSRGQLIEDVEHTFEEIKPLYEHL
HAYVRAKLMNAYPSYISPIGCLPAHLLGDMWGRFWTNLYSLTVPFGQKPNIDVTDAMVDQAWDAQRIFKEAEKFFVSVGL
PNMTQGFWENSMLTDPGNVQKAVCHPTAWDLGKGDFRILMCTKVTMDDFLTAHHEMGHIQYDMAYAAQPFLLRNGANEGF
HEAVGEIMSLSAATPKHLKSIGLLSPDFQEDNETEINFLLKQALTIVGTLPFTYMLEKWRWMVFKGEIPKDQWMKKWWEM
KREIVGVVEPVPHDETYCDPASLFHVSNDYSFIRYYTRTLYQFQFQEALCQAAKHEGPLHKCDISNSTEAGQKLFNMLRL
GKSEPWTLALENVVGAKNMNVRPLLNYFEPLFTWLKDQNKNSFVGWSTDWSPYADQSIKVRISLKSALGDKAYEWNDNEM
YLFRSSVAYAMRQYFLKVKNQMILFGEEDVRVANLKPRISFNFFVTAPKNVSDIIPRTEVEKAIRMSRSRINDAFRLNDN
SLEFLGIQPTLGPPNQPPVSIWLIVFGVVMGVIVVGIVILIFTGIRDRKKKNKARSGENPYASIDISKGENNPGFQNTDD
VQTSF
;
A
2 'polypeptide(L)'
;RVQPTESIVRFPNITNLCPFHEVFNATTFASVYAWNRKRISNCVADYSVIYNFAPFFAFKCYGVSPTKLNDLCFTNVYAD
SFVIRGNEVSQIAPGQTGNIADYNYKLPDDFTGCVIAWNSNKLDSKPSGNYNYLYRLFRKSKLKPFERDISTEIYQAGNK
PCNGVAGSNCYSPLQSYGFRPTYGVGHQPYRVVVLSFELLHAPATVCGPKKSTNLVKNKCVNF
;
B
#
# COMPACT_ATOMS: atom_id res chain seq x y z
N SER A 19 -37.30 1.49 3.27
CA SER A 19 -35.86 1.18 3.28
C SER A 19 -35.31 1.17 1.85
N THR A 20 -34.98 2.35 1.31
CA THR A 20 -34.37 2.41 -0.03
C THR A 20 -33.24 1.39 -0.08
N ILE A 21 -32.94 0.83 -1.23
CA ILE A 21 -31.76 -0.08 -1.27
C ILE A 21 -30.54 0.75 -0.93
N GLU A 22 -30.73 1.97 -0.45
CA GLU A 22 -29.56 2.75 0.01
C GLU A 22 -29.52 2.67 1.53
N GLU A 23 -30.63 2.24 2.16
CA GLU A 23 -30.65 2.04 3.63
C GLU A 23 -30.69 0.53 3.92
N GLN A 24 -30.34 -0.32 2.94
CA GLN A 24 -30.20 -1.78 3.17
C GLN A 24 -28.80 -2.11 2.72
N ALA A 25 -28.12 -1.08 2.21
CA ALA A 25 -26.73 -1.28 1.81
C ALA A 25 -25.91 -0.43 2.76
N LYS A 26 -26.49 0.64 3.30
CA LYS A 26 -25.72 1.40 4.32
C LYS A 26 -25.42 0.42 5.44
N THR A 27 -26.44 -0.27 5.92
CA THR A 27 -26.26 -1.26 6.99
C THR A 27 -25.32 -2.36 6.53
N PHE A 28 -25.70 -3.20 5.60
CA PHE A 28 -24.84 -4.34 5.22
C PHE A 28 -23.37 -4.00 5.41
N LEU A 29 -22.94 -2.85 4.96
CA LEU A 29 -21.54 -2.46 4.99
C LEU A 29 -21.07 -2.13 6.40
N ASP A 30 -21.97 -1.68 7.27
CA ASP A 30 -21.60 -1.47 8.66
C ASP A 30 -21.21 -2.80 9.33
N LYS A 31 -21.96 -3.88 9.11
CA LYS A 31 -21.55 -5.23 9.62
C LYS A 31 -20.31 -5.75 8.89
N PHE A 32 -20.15 -5.43 7.62
CA PHE A 32 -18.95 -5.89 6.92
C PHE A 32 -17.70 -5.22 7.48
N ASN A 33 -17.77 -3.92 7.77
CA ASN A 33 -16.62 -3.18 8.25
C ASN A 33 -16.15 -3.65 9.62
N HIS A 34 -17.02 -4.32 10.39
CA HIS A 34 -16.63 -4.80 11.71
CA HIS A 34 -16.66 -4.81 11.71
C HIS A 34 -16.26 -6.27 11.70
N GLU A 35 -16.89 -7.09 10.87
CA GLU A 35 -16.48 -8.48 10.72
C GLU A 35 -15.34 -8.69 9.73
N ALA A 36 -14.87 -7.63 9.07
CA ALA A 36 -13.71 -7.75 8.20
C ALA A 36 -12.42 -7.34 8.90
N GLU A 37 -12.48 -6.35 9.80
CA GLU A 37 -11.28 -5.85 10.45
C GLU A 37 -10.62 -6.93 11.30
N ASP A 38 -11.42 -7.60 12.14
CA ASP A 38 -10.91 -8.67 13.02
C ASP A 38 -10.26 -9.77 12.19
N LEU A 39 -10.92 -10.27 11.15
CA LEU A 39 -10.42 -11.37 10.34
C LEU A 39 -9.21 -10.97 9.50
N PHE A 40 -9.14 -9.71 9.06
CA PHE A 40 -7.94 -9.24 8.37
C PHE A 40 -6.78 -9.09 9.34
N TYR A 41 -7.04 -8.62 10.56
CA TYR A 41 -5.98 -8.47 11.55
C TYR A 41 -5.40 -9.83 11.94
N GLN A 42 -6.26 -10.82 12.05
CA GLN A 42 -5.78 -12.15 12.47
C GLN A 42 -4.95 -12.77 11.36
N SER A 43 -5.31 -12.59 10.09
CA SER A 43 -4.50 -13.09 8.98
C SER A 43 -3.18 -12.33 8.87
N SER A 44 -3.22 -11.00 9.06
CA SER A 44 -1.99 -10.22 9.01
C SER A 44 -1.03 -10.62 10.13
N LEU A 45 -1.55 -10.86 11.33
CA LEU A 45 -0.71 -11.28 12.44
C LEU A 45 -0.10 -12.66 12.18
N ALA A 46 -0.89 -13.58 11.61
CA ALA A 46 -0.35 -14.89 11.26
C ALA A 46 0.74 -14.77 10.21
N SER A 47 0.53 -13.93 9.20
CA SER A 47 1.55 -13.73 8.18
C SER A 47 2.82 -13.12 8.75
N TRP A 48 2.67 -12.15 9.66
CA TRP A 48 3.82 -11.54 10.31
C TRP A 48 4.59 -12.57 11.15
N ASN A 49 3.85 -13.43 11.86
CA ASN A 49 4.50 -14.46 12.66
C ASN A 49 5.25 -15.46 11.78
N TYR A 50 4.68 -15.83 10.64
CA TYR A 50 5.39 -16.71 9.72
C TYR A 50 6.62 -16.02 9.13
N ASN A 51 6.54 -14.73 8.85
CA ASN A 51 7.69 -13.99 8.36
C ASN A 51 8.72 -13.74 9.44
N THR A 52 8.37 -13.93 10.71
CA THR A 52 9.34 -13.89 11.79
C THR A 52 10.03 -15.24 11.98
N ASN A 53 9.25 -16.29 12.25
CA ASN A 53 9.74 -17.65 12.28
C ASN A 53 9.19 -18.43 11.08
N ILE A 54 10.09 -19.03 10.31
CA ILE A 54 9.70 -19.95 9.24
C ILE A 54 9.69 -21.34 9.87
N THR A 55 8.55 -21.70 10.46
CA THR A 55 8.41 -22.99 11.14
C THR A 55 7.22 -23.75 10.59
N GLU A 56 6.86 -24.86 11.23
CA GLU A 56 5.75 -25.69 10.77
C GLU A 56 4.41 -25.21 11.32
N GLU A 57 4.37 -24.75 12.57
CA GLU A 57 3.13 -24.28 13.15
C GLU A 57 2.67 -22.98 12.50
N ASN A 58 3.60 -22.10 12.17
CA ASN A 58 3.24 -20.82 11.58
C ASN A 58 2.57 -20.99 10.23
N VAL A 59 3.00 -21.98 9.46
CA VAL A 59 2.34 -22.27 8.18
C VAL A 59 0.89 -22.69 8.41
N GLN A 60 0.65 -23.52 9.42
CA GLN A 60 -0.71 -23.95 9.72
C GLN A 60 -1.57 -22.77 10.17
N ASN A 61 -1.02 -21.88 11.00
CA ASN A 61 -1.77 -20.70 11.42
C ASN A 61 -2.10 -19.80 10.23
N MET A 62 -1.13 -19.59 9.34
CA MET A 62 -1.39 -18.82 8.13
C MET A 62 -2.49 -19.46 7.29
N ASN A 63 -2.42 -20.79 7.11
CA ASN A 63 -3.42 -21.47 6.29
C ASN A 63 -4.81 -21.34 6.90
N ASN A 64 -4.93 -21.53 8.22
CA ASN A 64 -6.23 -21.40 8.86
C ASN A 64 -6.78 -19.99 8.74
N ALA A 65 -5.95 -18.99 9.03
CA ALA A 65 -6.42 -17.61 8.97
C ALA A 65 -6.81 -17.21 7.54
N GLY A 66 -6.00 -17.60 6.55
CA GLY A 66 -6.32 -17.28 5.18
C GLY A 66 -7.56 -17.98 4.68
N ASP A 67 -7.74 -19.25 5.06
CA ASP A 67 -8.94 -19.97 4.67
C ASP A 67 -10.19 -19.33 5.27
N LYS A 68 -10.12 -18.95 6.56
CA LYS A 68 -11.27 -18.29 7.17
C LYS A 68 -11.57 -16.95 6.50
N TRP A 69 -10.53 -16.17 6.20
CA TRP A 69 -10.72 -14.88 5.55
C TRP A 69 -11.33 -15.05 4.16
N SER A 70 -10.83 -16.02 3.39
CA SER A 70 -11.37 -16.26 2.06
C SER A 70 -12.81 -16.75 2.12
N ALA A 71 -13.13 -17.61 3.08
CA ALA A 71 -14.51 -18.08 3.22
C ALA A 71 -15.43 -16.93 3.57
N PHE A 72 -15.02 -16.05 4.48
CA PHE A 72 -15.84 -14.89 4.82
C PHE A 72 -16.03 -13.98 3.61
N LEU A 73 -14.95 -13.74 2.85
CA LEU A 73 -15.05 -12.90 1.66
C LEU A 73 -16.01 -13.50 0.64
N LYS A 74 -15.93 -14.81 0.41
CA LYS A 74 -16.82 -15.45 -0.54
C LYS A 74 -18.27 -15.38 -0.07
N GLU A 75 -18.51 -15.61 1.22
CA GLU A 75 -19.87 -15.55 1.74
C GLU A 75 -20.44 -14.15 1.60
N GLN A 76 -19.66 -13.13 1.93
CA GLN A 76 -20.15 -11.75 1.81
C GLN A 76 -20.34 -11.34 0.35
N SER A 77 -19.48 -11.82 -0.55
CA SER A 77 -19.66 -11.54 -1.97
C SER A 77 -20.95 -12.17 -2.50
N THR A 78 -21.24 -13.41 -2.07
CA THR A 78 -22.47 -14.07 -2.49
C THR A 78 -23.69 -13.36 -1.91
N LEU A 79 -23.61 -12.89 -0.67
CA LEU A 79 -24.76 -12.25 -0.04
C LEU A 79 -24.99 -10.84 -0.58
N ALA A 80 -23.91 -10.24 -1.02
CA ALA A 80 -23.96 -8.86 -1.54
C ALA A 80 -24.94 -8.76 -2.69
N GLN A 81 -24.47 -9.04 -3.90
CA GLN A 81 -25.37 -9.04 -5.06
C GLN A 81 -26.77 -9.28 -4.51
N MET A 82 -27.53 -8.23 -4.27
CA MET A 82 -28.93 -8.37 -3.80
C MET A 82 -29.48 -6.95 -3.66
N TYR A 83 -28.60 -5.96 -3.54
CA TYR A 83 -29.02 -4.55 -3.58
C TYR A 83 -28.55 -4.04 -4.95
N PRO A 84 -29.30 -4.27 -6.06
CA PRO A 84 -28.83 -3.94 -7.42
C PRO A 84 -28.04 -2.64 -7.59
N LEU A 85 -27.21 -2.55 -8.63
CA LEU A 85 -26.36 -1.38 -8.76
C LEU A 85 -27.13 -0.11 -9.11
N GLN A 86 -28.13 -0.20 -9.97
CA GLN A 86 -28.63 0.99 -10.66
C GLN A 86 -29.41 1.93 -9.76
N GLU A 87 -29.73 1.44 -8.57
CA GLU A 87 -30.62 2.18 -7.64
C GLU A 87 -29.87 2.82 -6.47
N ILE A 88 -28.56 2.68 -6.39
CA ILE A 88 -27.86 3.36 -5.27
C ILE A 88 -27.50 4.77 -5.76
N GLN A 89 -27.53 5.77 -4.87
CA GLN A 89 -27.07 7.11 -5.32
C GLN A 89 -26.21 7.80 -4.26
N ASN A 90 -24.96 7.35 -4.05
CA ASN A 90 -24.05 7.95 -3.02
C ASN A 90 -22.59 7.63 -3.32
N LEU A 91 -22.16 7.76 -4.57
CA LEU A 91 -20.77 7.42 -4.96
C LEU A 91 -19.90 7.29 -3.73
N THR A 92 -19.84 6.11 -3.12
CA THR A 92 -19.03 5.78 -1.90
C THR A 92 -19.67 4.49 -1.40
N VAL A 93 -20.98 4.53 -1.19
CA VAL A 93 -21.72 3.31 -0.83
C VAL A 93 -21.75 2.49 -2.10
N LYS A 94 -21.35 3.07 -3.24
CA LYS A 94 -21.42 2.35 -4.55
C LYS A 94 -20.05 1.80 -4.93
N LEU A 95 -18.96 2.46 -4.61
CA LEU A 95 -17.62 1.89 -4.77
C LEU A 95 -17.42 0.67 -3.89
N GLN A 96 -17.94 0.70 -2.66
CA GLN A 96 -17.84 -0.47 -1.79
C GLN A 96 -18.62 -1.65 -2.38
N LEU A 97 -19.80 -1.38 -2.95
CA LEU A 97 -20.54 -2.44 -3.62
C LEU A 97 -19.78 -2.99 -4.81
N GLN A 98 -19.15 -2.10 -5.59
CA GLN A 98 -18.29 -2.54 -6.68
C GLN A 98 -17.21 -3.48 -6.19
N ALA A 99 -16.58 -3.14 -5.07
CA ALA A 99 -15.55 -4.01 -4.49
C ALA A 99 -16.13 -5.35 -4.07
N LEU A 100 -17.31 -5.37 -3.45
CA LEU A 100 -17.86 -6.66 -2.92
C LEU A 100 -18.57 -7.39 -4.04
N GLN A 101 -19.63 -6.83 -4.60
CA GLN A 101 -20.27 -7.42 -5.80
C GLN A 101 -19.20 -7.56 -6.87
N GLN A 102 -18.72 -8.78 -7.10
CA GLN A 102 -17.75 -9.02 -8.17
C GLN A 102 -17.54 -10.53 -8.28
N ASN A 103 -18.14 -11.17 -9.31
CA ASN A 103 -17.99 -12.64 -9.56
C ASN A 103 -16.72 -12.89 -10.36
N GLY A 104 -15.55 -12.86 -9.74
CA GLY A 104 -14.32 -13.21 -10.45
C GLY A 104 -14.38 -14.63 -10.95
N SER A 105 -13.70 -15.58 -10.31
CA SER A 105 -13.68 -16.95 -10.82
C SER A 105 -14.71 -17.81 -10.10
N SER A 106 -15.94 -17.33 -10.03
CA SER A 106 -17.03 -18.10 -9.41
C SER A 106 -18.21 -18.13 -10.39
N VAL A 107 -18.01 -17.62 -11.60
CA VAL A 107 -19.06 -17.60 -12.65
C VAL A 107 -18.84 -18.84 -13.49
N LEU A 108 -17.72 -19.51 -13.24
CA LEU A 108 -17.39 -20.72 -14.04
C LEU A 108 -17.95 -21.98 -13.37
N SER A 109 -18.13 -23.06 -14.12
CA SER A 109 -18.56 -24.35 -13.63
C SER A 109 -17.51 -24.92 -12.67
N GLU A 110 -17.96 -25.83 -11.79
CA GLU A 110 -17.06 -26.37 -10.77
C GLU A 110 -15.92 -27.16 -11.38
N ASP A 111 -16.11 -27.69 -12.59
CA ASP A 111 -15.05 -28.46 -13.25
C ASP A 111 -14.11 -27.58 -14.06
N LYS A 112 -14.31 -26.26 -14.08
CA LYS A 112 -13.44 -25.34 -14.78
C LYS A 112 -12.57 -24.51 -13.86
N SER A 113 -13.10 -24.09 -12.71
CA SER A 113 -12.32 -23.30 -11.77
C SER A 113 -11.15 -24.11 -11.21
N LYS A 114 -11.40 -25.39 -10.89
CA LYS A 114 -10.31 -26.24 -10.41
C LYS A 114 -9.23 -26.40 -11.47
N ARG A 115 -9.64 -26.59 -12.72
CA ARG A 115 -8.66 -26.74 -13.80
C ARG A 115 -7.86 -25.47 -13.99
N LEU A 116 -8.51 -24.30 -13.91
CA LEU A 116 -7.80 -23.04 -14.00
C LEU A 116 -6.79 -22.88 -12.87
N ASN A 117 -7.20 -23.21 -11.64
CA ASN A 117 -6.29 -23.14 -10.51
C ASN A 117 -5.11 -24.09 -10.70
N THR A 118 -5.37 -25.26 -11.27
CA THR A 118 -4.29 -26.19 -11.60
C THR A 118 -3.34 -25.57 -12.62
N ILE A 119 -3.88 -24.84 -13.60
CA ILE A 119 -3.04 -24.19 -14.60
C ILE A 119 -2.12 -23.18 -13.93
N LEU A 120 -2.67 -22.31 -13.08
CA LEU A 120 -1.83 -21.32 -12.40
C LEU A 120 -0.80 -21.98 -11.49
N ASN A 121 -1.20 -23.02 -10.74
CA ASN A 121 -0.26 -23.70 -9.86
C ASN A 121 0.86 -24.35 -10.65
N THR A 122 0.54 -24.99 -11.78
CA THR A 122 1.55 -25.61 -12.61
C THR A 122 2.51 -24.57 -13.19
N MET A 123 1.98 -23.42 -13.63
CA MET A 123 2.84 -22.38 -14.16
C MET A 123 3.79 -21.86 -13.08
N SER A 124 3.27 -21.62 -11.87
CA SER A 124 4.11 -21.13 -10.79
C SER A 124 5.19 -22.15 -10.42
N THR A 125 4.81 -23.43 -10.35
CA THR A 125 5.78 -24.47 -10.02
C THR A 125 6.85 -24.60 -11.09
N ILE A 126 6.47 -24.55 -12.36
CA ILE A 126 7.44 -24.66 -13.44
C ILE A 126 8.39 -23.46 -13.43
N TYR A 127 7.87 -22.26 -13.23
CA TYR A 127 8.73 -21.07 -13.21
C TYR A 127 9.68 -21.12 -12.01
N SER A 128 9.17 -21.46 -10.83
CA SER A 128 10.00 -21.44 -9.63
C SER A 128 11.09 -22.51 -9.69
N THR A 129 10.76 -23.71 -10.17
CA THR A 129 11.71 -24.81 -10.25
C THR A 129 12.30 -24.86 -11.66
N GLY A 130 13.09 -23.84 -11.98
CA GLY A 130 13.78 -23.77 -13.26
C GLY A 130 15.14 -24.44 -13.18
N LYS A 131 15.57 -25.03 -14.30
CA LYS A 131 16.81 -25.79 -14.31
C LYS A 131 17.26 -25.96 -15.75
N VAL A 132 18.35 -25.26 -16.07
CA VAL A 132 18.85 -25.22 -17.46
C VAL A 132 19.80 -26.38 -17.68
N CYS A 133 20.81 -26.47 -16.83
CA CYS A 133 21.81 -27.55 -16.98
C CYS A 133 22.71 -27.20 -18.16
N ASN A 134 23.81 -27.92 -18.33
CA ASN A 134 24.78 -27.52 -19.38
C ASN A 134 24.77 -28.53 -20.53
N PRO A 135 25.06 -28.09 -21.78
CA PRO A 135 25.17 -29.03 -22.88
C PRO A 135 26.45 -29.84 -22.69
N ASP A 136 26.79 -30.15 -21.44
CA ASP A 136 28.04 -30.89 -21.13
C ASP A 136 27.85 -31.63 -19.81
N ASN A 137 28.81 -31.44 -18.89
CA ASN A 137 28.70 -32.08 -17.55
C ASN A 137 27.24 -32.06 -17.10
N PRO A 138 26.56 -33.22 -17.03
CA PRO A 138 25.18 -33.29 -16.56
C PRO A 138 25.11 -33.26 -15.04
N GLN A 139 25.98 -32.47 -14.40
CA GLN A 139 25.87 -32.31 -12.93
C GLN A 139 25.37 -30.90 -12.64
N GLU A 140 26.16 -29.89 -13.03
CA GLU A 140 25.77 -28.48 -12.78
C GLU A 140 24.40 -28.19 -13.39
N CYS A 141 23.46 -27.72 -12.58
CA CYS A 141 22.10 -27.41 -13.09
C CYS A 141 21.69 -26.10 -12.46
N LEU A 142 22.27 -25.02 -12.95
CA LEU A 142 22.06 -23.66 -12.48
C LEU A 142 20.60 -23.27 -12.63
N LEU A 143 20.00 -22.80 -11.55
CA LEU A 143 18.63 -22.33 -11.55
C LEU A 143 18.62 -20.81 -11.75
N LEU A 144 17.45 -20.18 -11.56
CA LEU A 144 17.30 -18.76 -11.88
C LEU A 144 18.01 -17.87 -10.87
N GLU A 145 17.57 -17.89 -9.62
CA GLU A 145 18.11 -17.00 -8.58
C GLU A 145 18.73 -17.82 -7.45
N PRO A 146 20.06 -17.89 -7.36
CA PRO A 146 21.04 -17.22 -8.22
C PRO A 146 21.42 -18.08 -9.42
N GLY A 147 22.56 -17.77 -10.05
CA GLY A 147 22.93 -18.46 -11.27
C GLY A 147 22.65 -17.62 -12.51
N LEU A 148 21.52 -17.88 -13.17
CA LEU A 148 21.22 -17.20 -14.43
C LEU A 148 21.14 -15.69 -14.24
N ASN A 149 20.50 -15.22 -13.16
CA ASN A 149 20.48 -13.79 -12.89
C ASN A 149 21.88 -13.25 -12.66
N GLU A 150 22.74 -14.04 -12.04
CA GLU A 150 24.13 -13.62 -11.85
C GLU A 150 24.90 -13.65 -13.16
N ILE A 151 24.63 -14.65 -14.01
CA ILE A 151 25.38 -14.76 -15.26
C ILE A 151 24.98 -13.67 -16.23
N MET A 152 23.75 -13.14 -16.11
CA MET A 152 23.33 -12.01 -16.94
C MET A 152 23.69 -10.66 -16.35
N ALA A 153 24.20 -10.61 -15.13
CA ALA A 153 24.46 -9.35 -14.45
C ALA A 153 25.91 -8.92 -14.50
N ASN A 154 26.85 -9.85 -14.36
CA ASN A 154 28.27 -9.54 -14.25
C ASN A 154 29.11 -10.37 -15.21
N SER A 155 28.69 -10.45 -16.47
CA SER A 155 29.43 -11.16 -17.49
C SER A 155 29.60 -10.29 -18.72
N LEU A 156 30.76 -10.43 -19.37
CA LEU A 156 31.06 -9.69 -20.58
C LEU A 156 31.27 -10.58 -21.80
N ASP A 157 31.17 -11.90 -21.66
CA ASP A 157 31.26 -12.79 -22.80
C ASP A 157 29.99 -12.69 -23.65
N TYR A 158 30.08 -13.19 -24.88
CA TYR A 158 28.94 -13.15 -25.79
C TYR A 158 28.29 -14.53 -25.93
N ASN A 159 29.08 -15.55 -26.24
CA ASN A 159 28.54 -16.89 -26.43
C ASN A 159 27.92 -17.43 -25.15
N GLU A 160 28.54 -17.13 -24.00
CA GLU A 160 28.01 -17.60 -22.72
C GLU A 160 26.65 -16.98 -22.41
N ARG A 161 26.52 -15.67 -22.62
CA ARG A 161 25.24 -15.02 -22.39
C ARG A 161 24.19 -15.50 -23.37
N LEU A 162 24.58 -15.71 -24.64
CA LEU A 162 23.63 -16.25 -25.61
C LEU A 162 23.18 -17.65 -25.19
N TRP A 163 24.10 -18.48 -24.71
CA TRP A 163 23.76 -19.80 -24.22
C TRP A 163 22.73 -19.73 -23.10
N ALA A 164 22.99 -18.87 -22.10
CA ALA A 164 22.05 -18.76 -20.98
C ALA A 164 20.69 -18.27 -21.45
N TRP A 165 20.67 -17.24 -22.30
CA TRP A 165 19.43 -16.65 -22.78
C TRP A 165 18.60 -17.67 -23.56
N GLU A 166 19.24 -18.45 -24.42
CA GLU A 166 18.50 -19.42 -25.21
C GLU A 166 18.10 -20.63 -24.38
N SER A 167 18.96 -21.05 -23.43
CA SER A 167 18.66 -22.22 -22.63
C SER A 167 17.49 -21.98 -21.70
N TRP A 168 17.40 -20.79 -21.10
CA TRP A 168 16.28 -20.53 -20.20
C TRP A 168 14.94 -20.58 -20.93
N ARG A 169 14.87 -20.00 -22.12
CA ARG A 169 13.63 -19.97 -22.89
C ARG A 169 13.44 -21.22 -23.73
N SER A 170 14.40 -22.13 -23.75
CA SER A 170 14.22 -23.40 -24.44
C SER A 170 13.58 -24.44 -23.52
N GLU A 171 14.19 -24.69 -22.36
CA GLU A 171 13.63 -25.66 -21.43
C GLU A 171 12.35 -25.15 -20.79
N VAL A 172 12.35 -23.92 -20.29
CA VAL A 172 11.18 -23.39 -19.60
C VAL A 172 10.10 -23.00 -20.60
N GLY A 173 10.50 -22.38 -21.72
CA GLY A 173 9.51 -21.83 -22.65
C GLY A 173 8.62 -22.88 -23.26
N LYS A 174 9.19 -24.02 -23.66
CA LYS A 174 8.41 -25.06 -24.31
C LYS A 174 7.35 -25.64 -23.38
N GLN A 175 7.70 -25.84 -22.10
CA GLN A 175 6.80 -26.47 -21.14
C GLN A 175 5.80 -25.51 -20.53
N LEU A 176 5.64 -24.31 -21.10
CA LEU A 176 4.74 -23.31 -20.54
C LEU A 176 3.69 -22.80 -21.51
N ARG A 177 3.83 -23.06 -22.81
CA ARG A 177 2.82 -22.60 -23.76
C ARG A 177 1.61 -23.52 -23.87
N PRO A 178 1.77 -24.86 -23.96
CA PRO A 178 0.62 -25.69 -24.08
C PRO A 178 -0.32 -25.30 -22.95
N LEU A 179 0.22 -24.76 -21.87
CA LEU A 179 -0.62 -24.47 -20.69
C LEU A 179 -0.94 -22.97 -20.62
N TYR A 180 -0.38 -22.18 -21.54
CA TYR A 180 -0.75 -20.75 -21.59
C TYR A 180 -1.85 -20.65 -22.60
N GLU A 181 -1.78 -21.50 -23.61
CA GLU A 181 -2.81 -21.50 -24.65
C GLU A 181 -4.15 -21.85 -24.01
N GLU A 182 -4.16 -22.61 -22.91
CA GLU A 182 -5.42 -23.01 -22.24
C GLU A 182 -5.81 -21.99 -21.17
N TYR A 183 -4.93 -21.06 -20.85
CA TYR A 183 -5.22 -20.01 -19.85
C TYR A 183 -5.86 -18.87 -20.62
N VAL A 184 -5.43 -18.73 -21.87
CA VAL A 184 -5.97 -17.63 -22.72
C VAL A 184 -7.36 -18.03 -23.21
N VAL A 185 -7.87 -19.22 -22.87
CA VAL A 185 -9.26 -19.51 -23.23
C VAL A 185 -10.18 -19.36 -22.02
N LEU A 186 -9.80 -19.96 -20.89
CA LEU A 186 -10.66 -19.92 -19.70
C LEU A 186 -10.75 -18.52 -19.12
N LYS A 187 -9.63 -17.79 -19.07
CA LYS A 187 -9.70 -16.44 -18.53
C LYS A 187 -10.56 -15.54 -19.41
N ASN A 188 -10.45 -15.67 -20.73
CA ASN A 188 -11.32 -14.90 -21.61
C ASN A 188 -12.78 -15.27 -21.42
N GLU A 189 -13.08 -16.57 -21.32
CA GLU A 189 -14.47 -16.99 -21.18
C GLU A 189 -15.04 -16.47 -19.86
N MET A 190 -14.24 -16.47 -18.80
CA MET A 190 -14.67 -15.87 -17.54
C MET A 190 -14.92 -14.38 -17.71
N ALA A 191 -14.07 -13.69 -18.48
CA ALA A 191 -14.26 -12.28 -18.72
C ALA A 191 -15.58 -12.01 -19.42
N ARG A 192 -15.93 -12.82 -20.43
CA ARG A 192 -17.25 -12.69 -21.03
C ARG A 192 -18.35 -12.97 -20.01
N ALA A 193 -18.12 -13.79 -19.01
CA ALA A 193 -19.26 -14.08 -18.11
C ALA A 193 -19.55 -12.96 -17.12
N ASN A 194 -18.57 -12.46 -16.37
CA ASN A 194 -18.77 -11.39 -15.34
C ASN A 194 -19.17 -10.10 -16.04
N HIS A 195 -19.59 -10.19 -17.29
CA HIS A 195 -20.12 -9.04 -18.04
C HIS A 195 -18.99 -8.10 -18.46
N TYR A 196 -17.96 -8.62 -19.10
CA TYR A 196 -16.92 -7.70 -19.59
C TYR A 196 -16.63 -8.02 -21.03
N GLU A 197 -16.06 -7.07 -21.74
CA GLU A 197 -15.69 -7.29 -23.13
C GLU A 197 -14.62 -8.37 -23.25
N ASP A 198 -13.49 -8.18 -22.56
CA ASP A 198 -12.37 -9.10 -22.66
C ASP A 198 -11.56 -9.04 -21.37
N TYR A 199 -10.63 -9.99 -21.22
CA TYR A 199 -9.82 -10.06 -20.00
C TYR A 199 -8.84 -8.90 -19.90
N GLY A 200 -8.35 -8.39 -21.03
CA GLY A 200 -7.60 -7.15 -20.99
C GLY A 200 -8.45 -5.99 -20.52
N ASP A 201 -9.70 -5.94 -20.99
CA ASP A 201 -10.64 -4.94 -20.49
C ASP A 201 -10.94 -5.17 -19.02
N TYR A 202 -10.86 -6.41 -18.55
CA TYR A 202 -10.96 -6.69 -17.12
C TYR A 202 -9.85 -6.02 -16.34
N TRP A 203 -8.61 -6.10 -16.84
CA TRP A 203 -7.49 -5.52 -16.11
C TRP A 203 -7.47 -4.00 -16.21
N ARG A 204 -7.94 -3.44 -17.33
CA ARG A 204 -8.10 -1.99 -17.41
C ARG A 204 -9.40 -1.55 -16.76
N GLY A 205 -9.63 -1.97 -15.51
CA GLY A 205 -10.88 -1.67 -14.84
C GLY A 205 -10.72 -0.73 -13.66
N ASP A 206 -9.54 -0.76 -13.03
CA ASP A 206 -9.26 0.15 -11.93
C ASP A 206 -8.98 1.58 -12.39
N TYR A 207 -8.84 1.79 -13.69
CA TYR A 207 -8.68 3.12 -14.28
C TYR A 207 -10.01 3.64 -14.82
N GLU A 208 -11.10 2.98 -14.44
CA GLU A 208 -12.43 3.31 -14.92
C GLU A 208 -13.20 4.06 -13.83
N VAL A 209 -13.69 5.24 -14.15
CA VAL A 209 -14.49 6.04 -13.24
C VAL A 209 -15.75 6.50 -13.97
N ASN A 210 -16.91 6.29 -13.35
CA ASN A 210 -18.19 6.67 -13.91
C ASN A 210 -19.02 7.40 -12.85
N GLY A 211 -19.87 8.30 -13.30
CA GLY A 211 -20.85 8.92 -12.43
C GLY A 211 -20.65 10.39 -12.11
N VAL A 212 -19.40 10.78 -11.87
CA VAL A 212 -19.09 12.15 -11.49
C VAL A 212 -18.82 12.96 -12.76
N ASP A 213 -19.45 14.13 -12.86
CA ASP A 213 -19.38 14.92 -14.08
C ASP A 213 -18.02 15.60 -14.21
N GLY A 214 -17.45 15.54 -15.42
CA GLY A 214 -16.20 16.21 -15.73
C GLY A 214 -14.95 15.44 -15.37
N TYR A 215 -15.07 14.29 -14.70
CA TYR A 215 -13.92 13.52 -14.27
C TYR A 215 -13.93 12.09 -14.80
N ASP A 216 -14.80 11.80 -15.78
CA ASP A 216 -14.90 10.44 -16.30
C ASP A 216 -13.63 10.04 -17.03
N TYR A 217 -13.42 8.72 -17.11
CA TYR A 217 -12.25 8.16 -17.78
C TYR A 217 -12.64 6.77 -18.27
N SER A 218 -12.90 6.66 -19.57
CA SER A 218 -13.39 5.41 -20.13
C SER A 218 -12.30 4.35 -20.09
N ARG A 219 -12.74 3.08 -20.18
CA ARG A 219 -11.80 1.96 -20.13
C ARG A 219 -10.86 1.99 -21.34
N GLY A 220 -11.40 2.30 -22.52
CA GLY A 220 -10.58 2.41 -23.71
C GLY A 220 -9.81 3.71 -23.82
N GLN A 221 -10.10 4.68 -22.95
CA GLN A 221 -9.38 5.95 -22.97
C GLN A 221 -7.91 5.77 -22.60
N LEU A 222 -7.61 4.80 -21.74
CA LEU A 222 -6.22 4.55 -21.36
C LEU A 222 -5.41 4.05 -22.56
N ILE A 223 -6.05 3.27 -23.44
CA ILE A 223 -5.40 2.80 -24.65
C ILE A 223 -4.86 3.95 -25.48
N GLU A 224 -5.65 5.01 -25.67
CA GLU A 224 -5.22 6.21 -26.39
C GLU A 224 -4.25 7.05 -25.58
N ASP A 225 -4.47 7.16 -24.26
CA ASP A 225 -3.61 8.01 -23.44
C ASP A 225 -2.17 7.48 -23.39
N VAL A 226 -2.01 6.17 -23.23
CA VAL A 226 -0.66 5.60 -23.20
C VAL A 226 0.04 5.79 -24.54
N GLU A 227 -0.65 5.50 -25.63
CA GLU A 227 -0.08 5.63 -26.96
C GLU A 227 0.19 7.09 -27.34
N HIS A 228 -0.51 8.04 -26.73
CA HIS A 228 -0.24 9.45 -26.95
C HIS A 228 0.91 9.98 -26.12
N THR A 229 1.18 9.37 -24.97
CA THR A 229 2.26 9.84 -24.05
C THR A 229 3.62 9.26 -24.44
N PHE A 230 3.64 8.12 -25.11
CA PHE A 230 4.90 7.43 -25.50
C PHE A 230 5.45 8.09 -26.75
N GLU A 231 4.67 8.96 -27.35
CA GLU A 231 5.14 9.69 -28.54
C GLU A 231 6.11 10.77 -28.06
N GLU A 232 5.68 11.58 -27.09
CA GLU A 232 6.56 12.63 -26.55
C GLU A 232 7.68 12.04 -25.68
N ILE A 233 8.16 10.83 -25.99
CA ILE A 233 9.29 10.17 -25.25
C ILE A 233 10.28 9.68 -26.30
N LYS A 234 9.77 9.23 -27.43
CA LYS A 234 10.64 8.66 -28.48
C LYS A 234 11.90 9.50 -28.66
N PRO A 235 11.88 10.85 -28.74
CA PRO A 235 13.12 11.59 -29.01
C PRO A 235 14.23 11.40 -27.95
N LEU A 236 13.89 11.20 -26.69
CA LEU A 236 14.81 10.98 -25.57
C LEU A 236 15.29 9.54 -25.54
N TYR A 237 14.36 8.59 -25.65
CA TYR A 237 14.74 7.18 -25.63
C TYR A 237 15.57 6.83 -26.86
N GLU A 238 15.28 7.45 -28.01
CA GLU A 238 16.07 7.21 -29.21
C GLU A 238 17.51 7.67 -29.05
N HIS A 239 17.69 8.87 -28.49
CA HIS A 239 19.04 9.36 -28.24
C HIS A 239 19.77 8.50 -27.20
N LEU A 240 19.06 8.08 -26.16
CA LEU A 240 19.67 7.21 -25.16
C LEU A 240 20.09 5.87 -25.77
N HIS A 241 19.23 5.31 -26.64
CA HIS A 241 19.56 4.07 -27.32
C HIS A 241 20.77 4.23 -28.22
N ALA A 242 20.84 5.34 -28.95
CA ALA A 242 22.00 5.60 -29.80
C ALA A 242 23.28 5.71 -28.98
N TYR A 243 23.22 6.43 -27.85
CA TYR A 243 24.39 6.55 -26.99
C TYR A 243 24.81 5.20 -26.43
N VAL A 244 23.84 4.40 -25.97
CA VAL A 244 24.17 3.09 -25.42
C VAL A 244 24.78 2.20 -26.48
N ARG A 245 24.25 2.24 -27.70
CA ARG A 245 24.80 1.44 -28.79
C ARG A 245 26.23 1.88 -29.12
N ALA A 246 26.46 3.19 -29.16
CA ALA A 246 27.81 3.69 -29.44
C ALA A 246 28.79 3.26 -28.37
N LYS A 247 28.38 3.32 -27.11
CA LYS A 247 29.25 2.87 -26.02
C LYS A 247 29.42 1.36 -25.98
N LEU A 248 28.46 0.61 -26.50
CA LEU A 248 28.55 -0.85 -26.54
C LEU A 248 29.33 -1.36 -27.76
N MET A 249 29.57 -0.51 -28.75
CA MET A 249 30.41 -0.91 -29.88
C MET A 249 31.76 -1.45 -29.41
N ASN A 250 32.44 -0.72 -28.52
CA ASN A 250 33.79 -1.12 -28.13
C ASN A 250 33.79 -2.36 -27.24
N ALA A 251 32.71 -2.58 -26.49
CA ALA A 251 32.64 -3.76 -25.63
C ALA A 251 32.52 -5.03 -26.46
N TYR A 252 31.68 -5.01 -27.50
CA TYR A 252 31.47 -6.15 -28.39
C TYR A 252 31.69 -5.67 -29.82
N PRO A 253 32.94 -5.69 -30.31
CA PRO A 253 33.24 -5.03 -31.58
C PRO A 253 32.47 -5.56 -32.78
N SER A 254 32.63 -6.82 -33.13
CA SER A 254 32.02 -7.36 -34.34
C SER A 254 30.71 -8.07 -34.03
N TYR A 255 29.85 -7.40 -33.25
CA TYR A 255 28.56 -7.94 -32.87
C TYR A 255 27.39 -6.98 -33.04
N ILE A 256 27.60 -5.67 -33.06
CA ILE A 256 26.52 -4.69 -33.17
C ILE A 256 26.83 -3.75 -34.33
N SER A 257 25.84 -3.53 -35.19
CA SER A 257 25.94 -2.62 -36.33
C SER A 257 25.31 -1.27 -35.99
N PRO A 258 25.95 -0.17 -36.38
CA PRO A 258 25.42 1.16 -36.02
C PRO A 258 24.08 1.48 -36.67
N ILE A 259 23.72 0.84 -37.78
CA ILE A 259 22.53 1.23 -38.52
C ILE A 259 21.26 0.80 -37.78
N GLY A 260 21.42 -0.24 -36.94
CA GLY A 260 20.24 -0.86 -36.31
C GLY A 260 20.36 -1.52 -34.95
N CYS A 261 19.28 -2.13 -34.46
CA CYS A 261 19.08 -2.63 -33.07
C CYS A 261 20.22 -3.35 -32.35
N LEU A 262 20.04 -3.54 -31.03
CA LEU A 262 21.05 -4.20 -30.15
C LEU A 262 20.54 -5.58 -29.78
N PRO A 263 21.32 -6.68 -29.87
CA PRO A 263 20.82 -7.98 -29.41
C PRO A 263 20.21 -7.89 -28.02
N ALA A 264 19.17 -8.72 -27.80
CA ALA A 264 18.41 -8.68 -26.56
C ALA A 264 19.11 -9.36 -25.40
N HIS A 265 20.23 -10.03 -25.64
CA HIS A 265 20.96 -10.74 -24.59
C HIS A 265 22.21 -9.99 -24.14
N LEU A 266 22.29 -8.69 -24.38
CA LEU A 266 23.44 -7.88 -24.02
C LEU A 266 22.99 -6.60 -23.33
N LEU A 267 22.07 -6.73 -22.38
CA LEU A 267 21.49 -5.58 -21.70
C LEU A 267 21.66 -5.61 -20.19
N GLY A 268 22.49 -6.51 -19.66
CA GLY A 268 22.68 -6.62 -18.23
C GLY A 268 21.50 -7.13 -17.44
N ASP A 269 20.33 -7.24 -18.06
CA ASP A 269 19.15 -7.83 -17.43
C ASP A 269 18.69 -9.00 -18.27
N MET A 270 18.06 -9.97 -17.62
CA MET A 270 17.72 -11.22 -18.29
C MET A 270 16.68 -11.01 -19.38
N TRP A 271 15.65 -10.21 -19.11
CA TRP A 271 14.61 -9.93 -20.08
C TRP A 271 14.64 -8.51 -20.63
N GLY A 272 15.63 -7.71 -20.25
CA GLY A 272 15.71 -6.34 -20.73
C GLY A 272 14.81 -5.36 -20.01
N ARG A 273 14.26 -5.73 -18.85
CA ARG A 273 13.37 -4.83 -18.14
C ARG A 273 14.10 -3.58 -17.67
N PHE A 274 15.32 -3.73 -17.17
CA PHE A 274 16.11 -2.60 -16.71
C PHE A 274 17.48 -2.61 -17.38
N TRP A 275 18.07 -1.43 -17.48
CA TRP A 275 19.39 -1.26 -18.09
C TRP A 275 20.45 -0.86 -17.05
N THR A 276 20.19 -1.16 -15.78
CA THR A 276 21.05 -0.66 -14.70
C THR A 276 22.47 -1.23 -14.81
N ASN A 277 22.60 -2.51 -15.14
CA ASN A 277 23.91 -3.16 -15.13
C ASN A 277 24.82 -2.69 -16.26
N LEU A 278 24.36 -1.76 -17.11
CA LEU A 278 25.18 -1.21 -18.17
C LEU A 278 25.91 0.06 -17.76
N TYR A 279 25.79 0.49 -16.50
CA TYR A 279 26.45 1.71 -16.05
C TYR A 279 27.97 1.56 -16.10
N SER A 280 28.48 0.38 -15.69
CA SER A 280 29.91 0.16 -15.72
C SER A 280 30.48 0.14 -17.14
N LEU A 281 29.63 -0.05 -18.15
CA LEU A 281 30.06 -0.05 -19.54
C LEU A 281 29.77 1.26 -20.26
N THR A 282 28.85 2.08 -19.75
CA THR A 282 28.44 3.30 -20.42
C THR A 282 28.62 4.52 -19.53
N VAL A 283 29.58 4.49 -18.61
CA VAL A 283 29.77 5.61 -17.68
C VAL A 283 30.27 6.83 -18.46
N PRO A 284 29.61 7.98 -18.23
CA PRO A 284 29.94 9.18 -18.96
C PRO A 284 31.31 9.72 -18.58
N PHE A 285 31.36 10.88 -17.95
CA PHE A 285 32.63 11.46 -17.45
C PHE A 285 33.05 10.61 -16.25
N GLY A 286 33.75 9.51 -16.47
CA GLY A 286 34.09 8.60 -15.36
C GLY A 286 35.11 9.20 -14.43
N GLN A 287 35.93 8.37 -13.80
CA GLN A 287 37.03 8.92 -12.96
C GLN A 287 36.45 10.05 -12.13
N LYS A 288 35.19 9.95 -11.75
CA LYS A 288 34.62 10.94 -10.81
C LYS A 288 33.51 10.24 -10.03
N PRO A 289 33.79 9.65 -8.86
CA PRO A 289 32.81 8.87 -8.08
C PRO A 289 31.46 9.53 -7.75
N ASN A 290 30.48 8.72 -7.36
CA ASN A 290 29.13 9.25 -7.05
C ASN A 290 28.94 9.26 -5.54
N ILE A 291 28.23 10.25 -5.02
CA ILE A 291 28.05 10.40 -3.55
C ILE A 291 27.77 9.04 -2.91
N ASP A 292 28.78 8.44 -2.31
CA ASP A 292 28.65 7.18 -1.58
C ASP A 292 29.09 7.44 -0.15
N VAL A 293 28.13 7.49 0.76
CA VAL A 293 28.39 7.81 2.16
C VAL A 293 28.51 6.53 3.02
N THR A 294 28.75 5.38 2.39
CA THR A 294 28.87 4.14 3.13
C THR A 294 30.08 4.17 4.06
N ASP A 295 31.19 4.75 3.62
CA ASP A 295 32.37 4.85 4.47
C ASP A 295 32.09 5.70 5.70
N ALA A 296 31.36 6.81 5.54
CA ALA A 296 31.00 7.64 6.68
C ALA A 296 30.09 6.90 7.64
N MET A 297 29.31 5.93 7.12
CA MET A 297 28.46 5.13 8.00
C MET A 297 29.28 4.36 9.03
N VAL A 298 30.33 3.68 8.57
CA VAL A 298 31.21 2.96 9.49
C VAL A 298 32.01 3.96 10.33
N ASP A 299 32.42 5.08 9.73
CA ASP A 299 33.28 6.03 10.42
C ASP A 299 32.56 6.65 11.62
N GLN A 300 31.29 7.00 11.47
CA GLN A 300 30.57 7.74 12.50
C GLN A 300 29.65 6.89 13.35
N ALA A 301 29.76 5.55 13.25
CA ALA A 301 28.98 4.62 14.07
C ALA A 301 27.48 4.83 13.89
N TRP A 302 27.06 4.55 12.66
CA TRP A 302 25.63 4.66 12.35
C TRP A 302 25.01 3.28 12.42
N ASP A 303 23.78 3.23 12.88
CA ASP A 303 23.04 1.98 13.03
C ASP A 303 21.63 2.15 12.50
N ALA A 304 20.88 1.04 12.48
CA ALA A 304 19.54 1.04 11.87
C ALA A 304 18.58 1.95 12.62
N GLN A 305 18.64 1.93 13.95
CA GLN A 305 17.76 2.79 14.75
C GLN A 305 17.99 4.25 14.43
N ARG A 306 19.25 4.65 14.30
CA ARG A 306 19.56 6.04 13.96
C ARG A 306 19.09 6.38 12.54
N ILE A 307 19.20 5.42 11.62
CA ILE A 307 18.73 5.64 10.25
C ILE A 307 17.24 5.90 10.24
N PHE A 308 16.47 5.08 10.97
CA PHE A 308 15.02 5.26 10.99
C PHE A 308 14.65 6.52 11.76
N LYS A 309 15.44 6.89 12.76
CA LYS A 309 15.21 8.18 13.44
C LYS A 309 15.44 9.35 12.49
N GLU A 310 16.49 9.26 11.71
CA GLU A 310 16.80 10.34 10.75
C GLU A 310 15.61 10.52 9.83
N ALA A 311 14.94 9.44 9.46
CA ALA A 311 13.83 9.53 8.47
C ALA A 311 12.59 10.11 9.12
N GLU A 312 12.25 9.69 10.32
CA GLU A 312 11.10 10.30 10.99
C GLU A 312 11.33 11.81 10.99
N LYS A 313 12.59 12.23 10.96
CA LYS A 313 12.91 13.68 11.03
C LYS A 313 12.61 14.33 9.69
N PHE A 314 12.91 13.64 8.60
CA PHE A 314 12.51 14.21 7.27
C PHE A 314 11.00 14.41 7.21
N PHE A 315 10.21 13.44 7.61
CA PHE A 315 8.75 13.52 7.44
C PHE A 315 8.11 14.43 8.48
N VAL A 316 8.82 14.78 9.54
CA VAL A 316 8.26 15.72 10.55
C VAL A 316 8.63 17.13 10.09
N SER A 317 9.64 17.24 9.25
CA SER A 317 9.99 18.55 8.68
C SER A 317 8.89 19.01 7.73
N VAL A 318 8.40 18.13 6.87
CA VAL A 318 7.41 18.52 5.83
C VAL A 318 6.02 18.61 6.44
N GLY A 319 5.88 18.52 7.75
CA GLY A 319 4.57 18.72 8.40
C GLY A 319 3.78 17.47 8.67
N LEU A 320 4.24 16.31 8.21
CA LEU A 320 3.49 15.05 8.36
C LEU A 320 3.78 14.47 9.75
N PRO A 321 2.98 13.52 10.31
CA PRO A 321 3.16 13.08 11.70
C PRO A 321 4.31 12.15 12.14
N ASN A 322 4.41 11.86 13.44
CA ASN A 322 5.45 10.96 14.01
C ASN A 322 5.01 9.50 13.90
N MET A 323 5.83 8.50 14.27
CA MET A 323 5.44 7.07 14.25
C MET A 323 5.12 6.51 15.65
N THR A 324 3.98 5.83 15.89
CA THR A 324 3.55 5.36 17.20
C THR A 324 4.65 4.52 17.85
N GLN A 325 4.54 4.37 19.17
CA GLN A 325 5.49 3.54 19.90
C GLN A 325 5.39 2.08 19.48
N GLY A 326 4.23 1.67 18.98
CA GLY A 326 4.09 0.30 18.50
C GLY A 326 5.03 -0.03 17.36
N PHE A 327 5.30 0.94 16.48
CA PHE A 327 6.28 0.72 15.43
C PHE A 327 7.67 0.49 16.01
N TRP A 328 7.94 1.24 17.06
CA TRP A 328 9.27 1.15 17.69
C TRP A 328 9.38 -0.16 18.45
N GLU A 329 8.29 -0.59 19.10
CA GLU A 329 8.32 -1.80 19.95
C GLU A 329 8.14 -3.11 19.18
N ASN A 330 7.30 -3.13 18.15
CA ASN A 330 6.93 -4.38 17.46
C ASN A 330 7.46 -4.53 16.05
N SER A 331 8.51 -3.82 15.65
CA SER A 331 8.91 -3.91 14.22
C SER A 331 10.37 -4.30 14.10
N MET A 332 10.67 -5.44 13.51
CA MET A 332 12.04 -5.91 13.43
C MET A 332 12.80 -5.08 12.40
N LEU A 333 14.01 -4.66 12.75
CA LEU A 333 14.81 -3.80 11.89
C LEU A 333 16.18 -4.36 11.56
N THR A 334 16.64 -5.39 12.28
CA THR A 334 17.92 -6.03 12.01
C THR A 334 17.72 -7.53 11.92
N ASP A 335 18.61 -8.19 11.19
CA ASP A 335 18.53 -9.63 11.05
C ASP A 335 18.86 -10.30 12.38
N PRO A 336 17.95 -11.11 12.94
CA PRO A 336 18.23 -11.73 14.25
C PRO A 336 19.47 -12.63 14.24
N GLY A 337 19.76 -13.29 13.13
CA GLY A 337 20.91 -14.16 13.02
C GLY A 337 20.51 -15.59 12.69
N ASN A 338 21.35 -16.53 13.12
CA ASN A 338 21.11 -17.94 12.87
C ASN A 338 20.09 -18.55 13.83
N VAL A 339 19.74 -17.86 14.91
CA VAL A 339 18.77 -18.39 15.86
C VAL A 339 17.38 -18.48 15.23
N GLN A 340 17.03 -17.50 14.40
CA GLN A 340 15.73 -17.45 13.74
C GLN A 340 15.92 -17.48 12.23
N LYS A 341 14.82 -17.76 11.53
CA LYS A 341 14.78 -17.75 10.07
C LYS A 341 13.70 -16.77 9.64
N ALA A 342 14.11 -15.65 9.06
CA ALA A 342 13.20 -14.61 8.59
C ALA A 342 13.48 -14.30 7.12
N VAL A 343 12.43 -13.89 6.41
CA VAL A 343 12.54 -13.57 4.99
C VAL A 343 13.03 -12.13 4.90
N CYS A 344 14.30 -11.97 4.55
CA CYS A 344 14.89 -10.64 4.41
C CYS A 344 14.39 -10.00 3.12
N HIS A 345 13.32 -9.21 3.24
CA HIS A 345 12.76 -8.48 2.11
C HIS A 345 12.08 -7.22 2.63
N PRO A 346 12.53 -6.04 2.22
CA PRO A 346 11.90 -4.80 2.70
C PRO A 346 10.41 -4.76 2.36
N THR A 347 9.59 -4.64 3.40
CA THR A 347 8.15 -4.63 3.25
C THR A 347 7.54 -3.75 4.33
N ALA A 348 6.57 -2.93 3.93
CA ALA A 348 5.82 -2.09 4.85
C ALA A 348 4.49 -2.78 5.16
N TRP A 349 4.23 -3.01 6.44
CA TRP A 349 3.07 -3.79 6.87
C TRP A 349 2.02 -2.86 7.48
N ASP A 350 0.78 -3.02 7.03
CA ASP A 350 -0.36 -2.31 7.59
C ASP A 350 -1.34 -3.37 8.08
N LEU A 351 -1.13 -3.84 9.32
CA LEU A 351 -1.98 -4.86 9.90
C LEU A 351 -3.39 -4.36 10.19
N GLY A 352 -3.60 -3.06 10.23
CA GLY A 352 -4.88 -2.49 10.59
C GLY A 352 -5.02 -2.30 12.09
N LYS A 353 -6.09 -1.59 12.46
CA LYS A 353 -6.40 -1.29 13.86
C LYS A 353 -5.24 -0.57 14.54
N GLY A 354 -4.63 0.38 13.82
CA GLY A 354 -3.57 1.18 14.37
C GLY A 354 -2.23 0.50 14.51
N ASP A 355 -1.98 -0.57 13.76
CA ASP A 355 -0.72 -1.31 13.82
C ASP A 355 0.02 -1.09 12.51
N PHE A 356 1.23 -0.54 12.58
CA PHE A 356 2.07 -0.29 11.43
C PHE A 356 3.47 -0.80 11.71
N ARG A 357 4.02 -1.58 10.78
CA ARG A 357 5.32 -2.21 10.98
C ARG A 357 6.09 -2.21 9.66
N ILE A 358 7.42 -2.27 9.77
CA ILE A 358 8.30 -2.43 8.63
C ILE A 358 9.24 -3.59 8.92
N LEU A 359 9.33 -4.53 7.97
CA LEU A 359 10.19 -5.70 8.09
C LEU A 359 11.28 -5.59 7.05
N MET A 360 12.53 -5.41 7.50
CA MET A 360 13.67 -5.38 6.60
C MET A 360 14.93 -5.72 7.39
N CYS A 361 15.86 -6.40 6.74
CA CYS A 361 17.16 -6.73 7.34
C CYS A 361 18.13 -5.61 6.98
N THR A 362 18.23 -4.62 7.85
CA THR A 362 18.96 -3.39 7.56
C THR A 362 20.46 -3.60 7.73
N LYS A 363 21.22 -3.07 6.78
CA LYS A 363 22.68 -3.00 6.86
C LYS A 363 23.10 -1.56 6.64
N VAL A 364 24.32 -1.24 7.10
CA VAL A 364 24.79 0.14 7.03
C VAL A 364 25.28 0.45 5.62
N THR A 365 24.36 0.89 4.77
CA THR A 365 24.62 1.24 3.38
C THR A 365 23.68 2.37 2.99
N MET A 366 24.05 3.07 1.91
CA MET A 366 23.18 4.12 1.38
C MET A 366 21.91 3.54 0.76
N ASP A 367 22.02 2.35 0.14
CA ASP A 367 20.86 1.71 -0.47
C ASP A 367 19.80 1.40 0.59
N ASP A 368 20.22 0.86 1.72
CA ASP A 368 19.27 0.63 2.82
C ASP A 368 18.77 1.94 3.40
N PHE A 369 19.60 2.98 3.40
CA PHE A 369 19.16 4.30 3.86
C PHE A 369 18.00 4.82 3.01
N LEU A 370 18.08 4.63 1.70
CA LEU A 370 17.00 5.05 0.81
C LEU A 370 15.79 4.12 0.89
N THR A 371 16.02 2.81 1.03
CA THR A 371 14.92 1.87 1.17
C THR A 371 14.12 2.13 2.44
N ALA A 372 14.79 2.54 3.51
CA ALA A 372 14.09 2.93 4.73
C ALA A 372 13.14 4.10 4.50
N HIS A 373 13.59 5.13 3.76
CA HIS A 373 12.71 6.23 3.41
C HIS A 373 11.55 5.77 2.53
N HIS A 374 11.82 4.85 1.61
CA HIS A 374 10.76 4.31 0.75
C HIS A 374 9.67 3.63 1.56
N GLU A 375 10.07 2.72 2.46
CA GLU A 375 9.08 2.01 3.27
C GLU A 375 8.42 2.93 4.29
N MET A 376 9.15 3.93 4.78
CA MET A 376 8.57 4.91 5.70
C MET A 376 7.51 5.76 5.01
N GLY A 377 7.75 6.12 3.74
CA GLY A 377 6.71 6.79 2.97
C GLY A 377 5.50 5.90 2.74
N HIS A 378 5.73 4.60 2.51
CA HIS A 378 4.61 3.66 2.47
C HIS A 378 3.79 3.72 3.77
N ILE A 379 4.40 3.81 4.95
CA ILE A 379 3.61 3.77 6.21
C ILE A 379 2.86 5.10 6.37
N GLN A 380 3.45 6.20 5.95
CA GLN A 380 2.81 7.54 6.07
C GLN A 380 1.58 7.59 5.16
N TYR A 381 1.65 6.99 3.97
CA TYR A 381 0.44 6.93 3.11
C TYR A 381 -0.56 6.06 3.85
N ASP A 382 -0.10 4.89 4.25
CA ASP A 382 -1.11 4.03 4.87
C ASP A 382 -1.76 4.70 6.07
N MET A 383 -0.95 5.41 6.88
CA MET A 383 -1.50 6.13 8.03
C MET A 383 -2.42 7.26 7.62
N ALA A 384 -2.21 7.81 6.43
CA ALA A 384 -2.98 8.98 6.00
C ALA A 384 -4.47 8.70 5.91
N TYR A 385 -4.85 7.54 5.34
CA TYR A 385 -6.24 7.22 5.08
C TYR A 385 -6.82 6.22 6.08
N ALA A 386 -6.33 6.24 7.32
CA ALA A 386 -6.80 5.27 8.31
C ALA A 386 -8.24 5.51 8.72
N ALA A 387 -8.80 6.69 8.44
CA ALA A 387 -10.18 7.00 8.82
C ALA A 387 -11.20 6.56 7.78
N GLN A 388 -10.77 6.09 6.62
CA GLN A 388 -11.69 5.67 5.58
C GLN A 388 -12.25 4.29 5.89
N PRO A 389 -13.39 3.93 5.28
CA PRO A 389 -13.92 2.57 5.44
C PRO A 389 -12.93 1.52 4.95
N PHE A 390 -13.19 0.27 5.33
CA PHE A 390 -12.24 -0.80 5.08
C PHE A 390 -11.99 -1.01 3.60
N LEU A 391 -13.05 -0.99 2.79
CA LEU A 391 -12.90 -1.30 1.37
C LEU A 391 -12.19 -0.20 0.60
N LEU A 392 -12.21 1.04 1.09
CA LEU A 392 -11.58 2.16 0.41
C LEU A 392 -10.19 2.48 0.92
N ARG A 393 -9.65 1.66 1.83
CA ARG A 393 -8.32 1.90 2.40
C ARG A 393 -7.25 1.34 1.47
N ASN A 394 -7.02 2.09 0.38
CA ASN A 394 -6.02 1.72 -0.61
C ASN A 394 -5.67 2.95 -1.42
N GLY A 395 -4.72 2.78 -2.33
CA GLY A 395 -4.34 3.88 -3.21
C GLY A 395 -5.45 4.23 -4.19
N ALA A 396 -5.38 5.45 -4.72
CA ALA A 396 -6.38 5.90 -5.68
C ALA A 396 -6.45 4.99 -6.90
N ASN A 397 -5.30 4.48 -7.33
CA ASN A 397 -5.23 3.41 -8.32
C ASN A 397 -4.00 2.57 -8.02
N GLU A 398 -3.58 1.76 -8.99
CA GLU A 398 -2.43 0.88 -8.82
C GLU A 398 -1.11 1.58 -9.12
N GLY A 399 -1.10 2.91 -9.23
CA GLY A 399 0.12 3.61 -9.52
C GLY A 399 0.39 4.83 -8.66
N PHE A 400 -0.32 4.94 -7.53
CA PHE A 400 -0.08 6.01 -6.57
C PHE A 400 0.66 5.56 -5.32
N HIS A 401 0.60 4.28 -4.97
CA HIS A 401 1.19 3.83 -3.68
C HIS A 401 2.69 3.69 -3.82
N GLU A 402 3.15 3.41 -5.01
CA GLU A 402 4.58 3.27 -5.26
C GLU A 402 5.22 4.54 -5.82
N ALA A 403 4.45 5.60 -6.05
CA ALA A 403 4.98 6.88 -6.49
C ALA A 403 5.44 7.75 -5.33
N VAL A 404 4.61 7.90 -4.31
CA VAL A 404 5.10 8.42 -3.04
C VAL A 404 5.56 7.23 -2.20
N GLY A 405 6.62 6.58 -2.67
CA GLY A 405 7.55 5.82 -1.87
C GLY A 405 8.91 6.08 -2.50
N GLU A 406 8.84 6.67 -3.70
CA GLU A 406 10.00 6.90 -4.54
C GLU A 406 10.32 8.37 -4.73
N ILE A 407 9.33 9.26 -4.60
CA ILE A 407 9.64 10.68 -4.61
C ILE A 407 10.51 11.06 -3.41
N MET A 408 10.25 10.43 -2.27
CA MET A 408 11.05 10.69 -1.07
C MET A 408 12.48 10.19 -1.22
N SER A 409 12.67 9.08 -1.92
CA SER A 409 14.04 8.63 -2.18
C SER A 409 14.81 9.65 -3.02
N LEU A 410 14.16 10.21 -4.03
CA LEU A 410 14.78 11.26 -4.84
C LEU A 410 15.09 12.49 -3.98
N SER A 411 14.16 12.86 -3.10
CA SER A 411 14.38 14.01 -2.23
C SER A 411 15.55 13.78 -1.27
N ALA A 412 15.68 12.55 -0.74
CA ALA A 412 16.73 12.27 0.23
C ALA A 412 18.09 12.12 -0.45
N ALA A 413 18.12 11.62 -1.69
CA ALA A 413 19.38 11.38 -2.37
C ALA A 413 20.10 12.66 -2.78
N THR A 414 19.46 13.82 -2.65
CA THR A 414 20.08 15.07 -3.07
C THR A 414 21.31 15.37 -2.21
N PRO A 415 22.40 15.85 -2.81
CA PRO A 415 23.57 16.22 -2.01
C PRO A 415 23.29 17.26 -0.94
N LYS A 416 22.34 18.16 -1.18
CA LYS A 416 22.01 19.18 -0.18
C LYS A 416 21.46 18.54 1.10
N HIS A 417 20.59 17.55 0.96
CA HIS A 417 20.06 16.86 2.14
C HIS A 417 21.15 16.11 2.88
N LEU A 418 22.05 15.43 2.14
CA LEU A 418 23.14 14.72 2.80
C LEU A 418 24.10 15.66 3.50
N LYS A 419 24.25 16.88 2.98
CA LYS A 419 25.12 17.86 3.61
C LYS A 419 24.51 18.48 4.86
N SER A 420 23.20 18.39 5.02
CA SER A 420 22.51 18.97 6.17
C SER A 420 22.43 18.02 7.37
N ILE A 421 22.83 16.76 7.21
CA ILE A 421 22.78 15.79 8.29
C ILE A 421 24.15 15.26 8.69
N GLY A 422 25.22 15.63 7.98
CA GLY A 422 26.56 15.27 8.39
C GLY A 422 27.10 13.99 7.78
N LEU A 423 26.86 13.80 6.47
CA LEU A 423 27.40 12.65 5.76
C LEU A 423 28.46 13.02 4.73
N LEU A 424 28.60 14.30 4.38
CA LEU A 424 29.63 14.75 3.47
C LEU A 424 30.35 15.94 4.08
N SER A 425 31.63 16.09 3.73
CA SER A 425 32.41 17.22 4.21
C SER A 425 31.79 18.51 3.69
N PRO A 426 31.56 19.52 4.55
CA PRO A 426 30.73 20.65 4.13
C PRO A 426 31.42 21.59 3.14
N ASP A 427 32.13 21.04 2.16
CA ASP A 427 32.49 21.81 0.96
C ASP A 427 31.90 21.19 -0.29
N PHE A 428 32.29 19.96 -0.62
CA PHE A 428 31.68 19.11 -1.65
C PHE A 428 31.17 19.92 -2.85
N GLN A 429 32.10 20.59 -3.51
CA GLN A 429 31.78 21.44 -4.66
C GLN A 429 30.90 20.69 -5.65
N GLU A 430 29.67 21.19 -5.82
CA GLU A 430 28.68 20.54 -6.69
C GLU A 430 28.97 20.89 -8.14
N ASP A 431 30.11 20.40 -8.62
CA ASP A 431 30.51 20.64 -9.99
C ASP A 431 29.63 19.87 -10.97
N ASN A 432 29.43 20.46 -12.15
CA ASN A 432 28.55 19.85 -13.15
C ASN A 432 29.12 18.58 -13.77
N GLU A 433 30.40 18.29 -13.51
CA GLU A 433 31.01 17.09 -14.11
C GLU A 433 30.38 15.81 -13.59
N THR A 434 30.09 15.74 -12.30
CA THR A 434 29.61 14.51 -11.67
C THR A 434 28.08 14.44 -11.56
N GLU A 435 27.39 15.58 -11.66
CA GLU A 435 25.94 15.55 -11.58
C GLU A 435 25.32 14.88 -12.79
N ILE A 436 26.04 14.81 -13.92
CA ILE A 436 25.49 14.19 -15.12
C ILE A 436 25.65 12.68 -15.09
N ASN A 437 26.62 12.16 -14.32
CA ASN A 437 26.74 10.72 -14.13
C ASN A 437 25.56 10.17 -13.34
N PHE A 438 25.02 10.94 -12.41
CA PHE A 438 23.82 10.56 -11.67
C PHE A 438 22.58 10.55 -12.54
N LEU A 439 22.49 11.47 -13.51
CA LEU A 439 21.32 11.52 -14.39
C LEU A 439 21.27 10.32 -15.32
N LEU A 440 22.41 9.93 -15.89
CA LEU A 440 22.41 8.80 -16.82
C LEU A 440 22.12 7.49 -16.10
N LYS A 441 22.72 7.30 -14.92
CA LYS A 441 22.44 6.10 -14.14
C LYS A 441 20.97 6.04 -13.72
N GLN A 442 20.40 7.18 -13.34
CA GLN A 442 19.01 7.22 -12.94
C GLN A 442 18.09 7.02 -14.14
N ALA A 443 18.54 7.36 -15.35
CA ALA A 443 17.76 7.18 -16.56
C ALA A 443 17.77 5.74 -17.06
N LEU A 444 18.81 4.98 -16.76
CA LEU A 444 18.92 3.59 -17.22
C LEU A 444 17.92 2.66 -16.55
N THR A 445 17.25 3.12 -15.49
CA THR A 445 16.21 2.35 -14.83
C THR A 445 14.81 2.93 -15.04
N ILE A 446 14.70 4.14 -15.57
CA ILE A 446 13.40 4.77 -15.80
C ILE A 446 13.09 4.84 -17.29
N VAL A 447 13.97 5.45 -18.07
CA VAL A 447 13.72 5.61 -19.50
C VAL A 447 13.77 4.26 -20.21
N GLY A 448 14.66 3.37 -19.78
CA GLY A 448 14.85 2.10 -20.46
C GLY A 448 13.82 1.03 -20.15
N THR A 449 12.85 1.30 -19.27
CA THR A 449 11.83 0.32 -18.94
C THR A 449 10.44 0.67 -19.45
N LEU A 450 10.17 1.94 -19.73
CA LEU A 450 8.85 2.33 -20.22
C LEU A 450 8.51 1.72 -21.57
N PRO A 451 9.36 1.79 -22.60
CA PRO A 451 9.01 1.12 -23.87
C PRO A 451 8.81 -0.38 -23.73
N PHE A 452 9.60 -1.04 -22.87
CA PHE A 452 9.42 -2.46 -22.64
C PHE A 452 8.05 -2.76 -22.03
N THR A 453 7.66 -1.96 -21.03
CA THR A 453 6.35 -2.13 -20.41
C THR A 453 5.22 -1.89 -21.41
N TYR A 454 5.34 -0.83 -22.21
CA TYR A 454 4.30 -0.53 -23.21
C TYR A 454 4.19 -1.66 -24.22
N MET A 455 5.33 -2.16 -24.70
CA MET A 455 5.34 -3.27 -25.66
C MET A 455 4.66 -4.50 -25.07
N LEU A 456 5.06 -4.90 -23.86
CA LEU A 456 4.52 -6.11 -23.26
C LEU A 456 3.02 -5.97 -23.01
N GLU A 457 2.58 -4.82 -22.50
CA GLU A 457 1.17 -4.65 -22.21
C GLU A 457 0.34 -4.59 -23.49
N LYS A 458 0.86 -3.95 -24.55
CA LYS A 458 0.14 -3.92 -25.82
C LYS A 458 0.02 -5.32 -26.41
N TRP A 459 1.11 -6.09 -26.36
CA TRP A 459 1.07 -7.46 -26.86
C TRP A 459 0.04 -8.28 -26.10
N ARG A 460 0.07 -8.22 -24.76
CA ARG A 460 -0.89 -8.98 -23.97
C ARG A 460 -2.32 -8.53 -24.25
N TRP A 461 -2.51 -7.22 -24.41
CA TRP A 461 -3.85 -6.69 -24.65
C TRP A 461 -4.43 -7.20 -25.96
N MET A 462 -3.63 -7.20 -27.03
CA MET A 462 -4.18 -7.69 -28.29
C MET A 462 -4.13 -9.21 -28.43
N VAL A 463 -3.30 -9.94 -27.66
CA VAL A 463 -3.31 -11.44 -27.69
C VAL A 463 -4.45 -11.90 -26.81
N PHE A 464 -5.53 -11.17 -26.82
CA PHE A 464 -6.72 -11.52 -26.03
C PHE A 464 -7.94 -11.06 -26.83
N LYS A 465 -7.83 -9.90 -27.48
CA LYS A 465 -8.96 -9.37 -28.27
C LYS A 465 -9.02 -10.18 -29.56
N GLY A 466 -8.10 -11.11 -29.75
CA GLY A 466 -8.15 -12.01 -30.91
C GLY A 466 -7.54 -11.38 -32.15
N GLU A 467 -6.79 -10.31 -31.98
CA GLU A 467 -6.15 -9.62 -33.12
C GLU A 467 -4.88 -10.37 -33.46
N ILE A 468 -4.39 -11.23 -32.57
CA ILE A 468 -3.21 -12.01 -32.99
C ILE A 468 -3.57 -13.49 -32.89
N PRO A 469 -3.96 -14.13 -34.00
CA PRO A 469 -4.29 -15.54 -34.01
C PRO A 469 -3.10 -16.36 -33.50
N LYS A 470 -3.36 -17.48 -32.82
CA LYS A 470 -2.30 -18.27 -32.16
C LYS A 470 -1.08 -18.44 -33.05
N ASP A 471 -1.25 -18.97 -34.25
CA ASP A 471 -0.08 -19.31 -35.11
C ASP A 471 0.87 -18.12 -35.28
N GLN A 472 0.46 -16.93 -34.87
CA GLN A 472 1.29 -15.72 -35.04
C GLN A 472 1.74 -15.16 -33.69
N TRP A 473 1.53 -15.87 -32.58
CA TRP A 473 1.86 -15.30 -31.26
C TRP A 473 3.30 -14.81 -31.21
N MET A 474 4.26 -15.56 -31.71
CA MET A 474 5.68 -15.18 -31.53
C MET A 474 6.28 -14.71 -32.84
N LYS A 475 5.46 -14.27 -33.78
CA LYS A 475 6.01 -13.63 -35.01
C LYS A 475 5.75 -12.15 -34.82
N LYS A 476 4.62 -11.80 -34.21
CA LYS A 476 4.30 -10.39 -33.90
C LYS A 476 5.20 -9.90 -32.78
N TRP A 477 5.49 -10.72 -31.78
CA TRP A 477 6.26 -10.25 -30.60
C TRP A 477 7.62 -9.72 -31.08
N TRP A 478 8.40 -10.52 -31.76
CA TRP A 478 9.74 -10.10 -32.17
C TRP A 478 9.66 -9.01 -33.24
N GLU A 479 8.49 -8.71 -33.80
CA GLU A 479 8.32 -7.59 -34.75
C GLU A 479 7.99 -6.33 -33.97
N MET A 480 7.32 -6.47 -32.83
CA MET A 480 7.04 -5.32 -31.95
C MET A 480 8.33 -4.88 -31.25
N LYS A 481 9.19 -5.80 -30.88
CA LYS A 481 10.43 -5.48 -30.14
C LYS A 481 11.48 -4.93 -31.08
N ARG A 482 11.21 -4.91 -32.38
CA ARG A 482 12.18 -4.28 -33.31
C ARG A 482 11.62 -2.93 -33.75
N GLU A 483 10.34 -2.65 -33.48
CA GLU A 483 9.69 -1.37 -33.85
C GLU A 483 9.57 -0.45 -32.63
N ILE A 484 9.03 -0.96 -31.53
CA ILE A 484 8.84 -0.14 -30.34
C ILE A 484 10.14 0.03 -29.57
N VAL A 485 10.82 -1.08 -29.28
CA VAL A 485 12.12 -1.05 -28.63
C VAL A 485 13.19 -1.40 -29.65
N GLY A 486 14.45 -1.30 -29.24
CA GLY A 486 15.56 -1.51 -30.15
C GLY A 486 16.29 -2.82 -29.97
N VAL A 487 15.58 -3.92 -29.76
CA VAL A 487 16.20 -5.21 -29.54
C VAL A 487 15.80 -6.17 -30.65
N VAL A 488 16.63 -7.19 -30.86
CA VAL A 488 16.39 -8.22 -31.86
C VAL A 488 16.83 -9.56 -31.30
N GLU A 489 16.10 -10.62 -31.64
CA GLU A 489 16.42 -11.94 -31.14
C GLU A 489 17.76 -12.41 -31.69
N PRO A 490 18.57 -13.11 -30.89
CA PRO A 490 19.85 -13.60 -31.42
C PRO A 490 19.70 -14.73 -32.41
N VAL A 491 18.81 -15.68 -32.14
CA VAL A 491 18.58 -16.82 -33.03
C VAL A 491 17.10 -16.90 -33.37
N PRO A 492 16.72 -17.45 -34.52
CA PRO A 492 15.29 -17.53 -34.86
C PRO A 492 14.52 -18.37 -33.85
N HIS A 493 13.30 -17.94 -33.58
CA HIS A 493 12.35 -18.68 -32.74
C HIS A 493 11.14 -19.03 -33.58
N ASP A 494 10.82 -20.33 -33.66
CA ASP A 494 9.63 -20.76 -34.36
C ASP A 494 8.40 -20.55 -33.46
N GLU A 495 7.26 -21.11 -33.87
CA GLU A 495 6.02 -20.80 -33.16
C GLU A 495 5.91 -21.52 -31.83
N THR A 496 6.54 -22.70 -31.69
CA THR A 496 6.35 -23.50 -30.49
C THR A 496 7.00 -22.90 -29.24
N TYR A 497 7.88 -21.91 -29.38
CA TYR A 497 8.42 -21.22 -28.21
C TYR A 497 7.34 -20.37 -27.55
N CYS A 498 7.64 -19.93 -26.33
CA CYS A 498 6.80 -18.94 -25.65
C CYS A 498 7.74 -18.11 -24.78
N ASP A 499 8.19 -16.98 -25.32
CA ASP A 499 9.21 -16.14 -24.71
C ASP A 499 8.68 -15.23 -23.59
N PRO A 500 7.55 -14.54 -23.79
CA PRO A 500 7.04 -13.70 -22.69
C PRO A 500 6.74 -14.46 -21.42
N ALA A 501 6.31 -15.71 -21.51
CA ALA A 501 5.98 -16.48 -20.31
C ALA A 501 7.20 -16.74 -19.44
N SER A 502 8.41 -16.54 -19.97
CA SER A 502 9.61 -16.67 -19.15
C SER A 502 9.67 -15.62 -18.05
N LEU A 503 9.00 -14.49 -18.23
CA LEU A 503 8.98 -13.44 -17.22
C LEU A 503 8.12 -13.85 -16.03
N PHE A 504 8.45 -13.29 -14.87
CA PHE A 504 7.74 -13.63 -13.64
C PHE A 504 6.27 -13.20 -13.72
N HIS A 505 6.01 -12.00 -14.23
CA HIS A 505 4.66 -11.46 -14.24
C HIS A 505 3.76 -12.18 -15.25
N VAL A 506 4.30 -12.57 -16.40
CA VAL A 506 3.48 -13.25 -17.39
C VAL A 506 3.11 -14.65 -16.93
N SER A 507 4.06 -15.36 -16.32
CA SER A 507 3.79 -16.72 -15.83
C SER A 507 2.73 -16.70 -14.74
N ASN A 508 2.75 -15.69 -13.88
CA ASN A 508 1.71 -15.52 -12.88
C ASN A 508 0.62 -14.62 -13.44
N ASP A 509 -0.30 -14.18 -12.59
CA ASP A 509 -1.39 -13.30 -12.99
C ASP A 509 -1.21 -11.96 -12.28
N TYR A 510 -0.41 -11.09 -12.89
CA TYR A 510 -0.15 -9.75 -12.37
C TYR A 510 -0.28 -8.73 -13.49
N SER A 511 -0.96 -7.63 -13.22
CA SER A 511 -1.00 -6.53 -14.16
C SER A 511 0.38 -5.89 -14.26
N PHE A 512 0.75 -5.48 -15.47
CA PHE A 512 2.08 -4.96 -15.73
C PHE A 512 2.10 -3.50 -16.16
N ILE A 513 0.94 -2.89 -16.39
CA ILE A 513 0.88 -1.49 -16.82
C ILE A 513 1.03 -0.51 -15.68
N ARG A 514 0.99 -0.99 -14.43
CA ARG A 514 1.06 -0.07 -13.28
C ARG A 514 2.39 0.66 -13.22
N TYR A 515 3.47 0.06 -13.74
CA TYR A 515 4.78 0.67 -13.62
C TYR A 515 4.92 1.90 -14.50
N TYR A 516 4.35 1.85 -15.71
CA TYR A 516 4.36 3.00 -16.61
C TYR A 516 3.67 4.21 -15.97
N THR A 517 2.47 3.97 -15.43
CA THR A 517 1.74 5.02 -14.71
C THR A 517 2.49 5.50 -13.48
N ARG A 518 3.09 4.60 -12.69
CA ARG A 518 3.90 4.99 -11.54
C ARG A 518 5.02 5.95 -11.96
N THR A 519 5.75 5.58 -13.02
CA THR A 519 6.87 6.38 -13.50
C THR A 519 6.41 7.76 -13.96
N LEU A 520 5.29 7.82 -14.68
CA LEU A 520 4.85 9.13 -15.16
C LEU A 520 4.12 9.95 -14.10
N TYR A 521 3.69 9.34 -12.99
CA TYR A 521 3.06 10.09 -11.92
C TYR A 521 4.07 10.61 -10.90
N GLN A 522 5.15 9.87 -10.68
CA GLN A 522 6.11 10.29 -9.66
C GLN A 522 6.77 11.62 -10.02
N PHE A 523 7.11 11.82 -11.29
CA PHE A 523 7.72 13.07 -11.70
C PHE A 523 6.75 14.23 -11.69
N GLN A 524 5.48 13.99 -12.02
CA GLN A 524 4.46 15.02 -11.86
C GLN A 524 4.36 15.46 -10.40
N PHE A 525 4.32 14.49 -9.49
CA PHE A 525 4.24 14.82 -8.07
C PHE A 525 5.49 15.58 -7.62
N GLN A 526 6.67 15.14 -8.07
CA GLN A 526 7.91 15.79 -7.68
C GLN A 526 7.95 17.23 -8.16
N GLU A 527 7.59 17.48 -9.42
CA GLU A 527 7.61 18.84 -9.92
C GLU A 527 6.58 19.71 -9.21
N ALA A 528 5.39 19.18 -8.94
CA ALA A 528 4.38 19.95 -8.23
C ALA A 528 4.86 20.34 -6.83
N LEU A 529 5.43 19.38 -6.11
CA LEU A 529 5.91 19.66 -4.75
C LEU A 529 7.08 20.64 -4.76
N CYS A 530 8.00 20.49 -5.72
CA CYS A 530 9.14 21.40 -5.79
C CYS A 530 8.71 22.81 -6.15
N GLN A 531 7.73 22.95 -7.04
CA GLN A 531 7.19 24.27 -7.34
C GLN A 531 6.49 24.86 -6.11
N ALA A 532 5.79 24.02 -5.35
CA ALA A 532 5.16 24.48 -4.12
C ALA A 532 6.18 24.84 -3.05
N ALA A 533 7.43 24.40 -3.19
CA ALA A 533 8.48 24.64 -2.20
C ALA A 533 9.37 25.82 -2.55
N LYS A 534 9.02 26.59 -3.59
CA LYS A 534 9.80 27.75 -4.02
C LYS A 534 11.24 27.37 -4.35
N HIS A 535 11.41 26.24 -5.04
CA HIS A 535 12.72 25.79 -5.47
C HIS A 535 13.14 26.54 -6.72
N GLU A 536 14.40 26.97 -6.77
CA GLU A 536 14.95 27.69 -7.90
C GLU A 536 16.10 26.89 -8.48
N GLY A 537 16.03 26.58 -9.77
CA GLY A 537 17.07 25.85 -10.45
C GLY A 537 16.57 24.57 -11.08
N PRO A 538 17.50 23.66 -11.41
CA PRO A 538 17.10 22.38 -11.99
C PRO A 538 16.27 21.55 -11.02
N LEU A 539 15.40 20.72 -11.60
CA LEU A 539 14.46 19.94 -10.80
C LEU A 539 15.14 18.79 -10.06
N HIS A 540 16.25 18.26 -10.58
CA HIS A 540 16.90 17.15 -9.92
C HIS A 540 17.68 17.58 -8.68
N LYS A 541 17.84 18.88 -8.45
CA LYS A 541 18.48 19.40 -7.24
C LYS A 541 17.48 19.83 -6.19
N CYS A 542 16.32 19.19 -6.12
CA CYS A 542 15.21 19.64 -5.29
C CYS A 542 15.11 18.79 -4.03
N ASP A 543 15.08 19.45 -2.87
CA ASP A 543 14.87 18.79 -1.59
C ASP A 543 13.61 19.43 -0.98
N ILE A 544 12.66 18.59 -0.58
CA ILE A 544 11.36 19.08 -0.15
C ILE A 544 11.31 19.22 1.37
N SER A 545 12.46 19.10 2.02
CA SER A 545 12.52 19.25 3.47
C SER A 545 12.31 20.71 3.86
N ASN A 546 11.84 20.91 5.09
CA ASN A 546 11.60 22.25 5.64
C ASN A 546 10.62 23.04 4.77
N SER A 547 9.58 22.35 4.29
CA SER A 547 8.55 22.98 3.45
C SER A 547 7.20 22.44 3.91
N THR A 548 6.48 23.23 4.71
CA THR A 548 5.19 22.78 5.22
C THR A 548 4.13 22.76 4.11
N GLU A 549 4.23 23.69 3.16
CA GLU A 549 3.24 23.76 2.09
C GLU A 549 3.23 22.50 1.24
N ALA A 550 4.42 21.99 0.88
CA ALA A 550 4.49 20.78 0.08
C ALA A 550 3.91 19.59 0.85
N GLY A 551 4.22 19.48 2.13
CA GLY A 551 3.65 18.40 2.93
C GLY A 551 2.15 18.48 3.02
N GLN A 552 1.61 19.69 3.20
CA GLN A 552 0.16 19.86 3.25
C GLN A 552 -0.47 19.48 1.91
N LYS A 553 0.14 19.90 0.81
CA LYS A 553 -0.39 19.58 -0.52
C LYS A 553 -0.40 18.07 -0.74
N LEU A 554 0.66 17.35 -0.38
CA LEU A 554 0.63 15.87 -0.52
C LEU A 554 -0.44 15.27 0.36
N PHE A 555 -0.52 15.68 1.61
CA PHE A 555 -1.47 15.07 2.57
C PHE A 555 -2.90 15.19 2.07
N ASN A 556 -3.23 16.27 1.38
CA ASN A 556 -4.64 16.48 0.97
C ASN A 556 -4.90 15.46 -0.11
N MET A 557 -3.87 14.85 -0.69
CA MET A 557 -4.13 13.75 -1.60
C MET A 557 -4.03 12.40 -0.91
N LEU A 558 -3.07 12.24 0.01
CA LEU A 558 -2.89 10.95 0.67
C LEU A 558 -4.10 10.53 1.49
N ARG A 559 -4.90 11.50 1.94
CA ARG A 559 -6.00 11.23 2.85
C ARG A 559 -7.20 10.58 2.18
N LEU A 560 -7.52 10.94 0.95
CA LEU A 560 -8.76 10.49 0.33
C LEU A 560 -8.76 8.99 0.06
N GLY A 561 -7.66 8.46 -0.48
CA GLY A 561 -7.65 7.06 -0.85
C GLY A 561 -8.54 6.81 -2.06
N LYS A 562 -9.42 5.82 -1.94
CA LYS A 562 -10.34 5.46 -3.01
C LYS A 562 -11.70 6.14 -2.89
N SER A 563 -11.87 7.05 -1.93
CA SER A 563 -13.17 7.68 -1.74
C SER A 563 -13.54 8.58 -2.91
N GLU A 564 -12.56 9.05 -3.67
CA GLU A 564 -12.79 9.91 -4.82
C GLU A 564 -12.02 9.40 -6.01
N PRO A 565 -12.46 9.74 -7.23
CA PRO A 565 -11.74 9.29 -8.42
C PRO A 565 -10.30 9.80 -8.44
N TRP A 566 -9.42 8.99 -9.02
CA TRP A 566 -8.00 9.33 -9.08
C TRP A 566 -7.76 10.61 -9.88
N THR A 567 -8.69 11.00 -10.75
CA THR A 567 -8.54 12.27 -11.47
C THR A 567 -8.50 13.44 -10.50
N LEU A 568 -9.46 13.50 -9.57
CA LEU A 568 -9.48 14.57 -8.59
C LEU A 568 -8.27 14.51 -7.66
N ALA A 569 -7.85 13.30 -7.29
CA ALA A 569 -6.68 13.15 -6.42
C ALA A 569 -5.43 13.69 -7.09
N LEU A 570 -5.25 13.38 -8.38
CA LEU A 570 -4.11 13.92 -9.12
C LEU A 570 -4.21 15.44 -9.25
N GLU A 571 -5.40 15.94 -9.57
CA GLU A 571 -5.58 17.38 -9.75
C GLU A 571 -5.31 18.14 -8.45
N ASN A 572 -5.60 17.53 -7.29
CA ASN A 572 -5.35 18.19 -6.02
C ASN A 572 -3.88 18.51 -5.80
N VAL A 573 -2.98 17.82 -6.49
CA VAL A 573 -1.55 18.04 -6.32
C VAL A 573 -0.89 18.68 -7.53
N VAL A 574 -1.10 18.17 -8.73
CA VAL A 574 -0.40 18.66 -9.91
C VAL A 574 -1.24 19.69 -10.67
N GLY A 575 -2.55 19.71 -10.43
CA GLY A 575 -3.43 20.62 -11.13
C GLY A 575 -3.82 20.18 -12.52
N ALA A 576 -3.34 19.03 -12.98
CA ALA A 576 -3.65 18.51 -14.30
C ALA A 576 -4.74 17.46 -14.20
N LYS A 577 -5.61 17.44 -15.21
CA LYS A 577 -6.76 16.53 -15.19
C LYS A 577 -6.31 15.08 -15.35
N ASN A 578 -5.32 14.82 -16.19
CA ASN A 578 -4.92 13.46 -16.52
C ASN A 578 -3.41 13.35 -16.47
N MET A 579 -2.83 12.31 -17.08
CA MET A 579 -1.36 12.08 -17.02
C MET A 579 -0.57 12.89 -18.03
N ASN A 580 0.73 13.09 -17.82
CA ASN A 580 1.57 13.93 -18.71
C ASN A 580 3.03 13.49 -18.64
N VAL A 581 3.79 13.66 -19.71
CA VAL A 581 5.19 13.21 -19.78
C VAL A 581 6.11 14.41 -19.76
N ARG A 582 5.54 15.60 -19.71
CA ARG A 582 6.35 16.84 -19.73
C ARG A 582 7.14 16.93 -18.44
N PRO A 583 6.54 16.81 -17.25
CA PRO A 583 7.32 16.80 -16.03
C PRO A 583 8.57 15.91 -16.07
N LEU A 584 8.52 14.76 -16.74
CA LEU A 584 9.66 13.80 -16.73
C LEU A 584 10.72 14.19 -17.76
N LEU A 585 10.33 14.90 -18.79
CA LEU A 585 11.30 15.34 -19.81
C LEU A 585 11.95 16.61 -19.28
N ASN A 586 11.28 17.30 -18.35
CA ASN A 586 11.92 18.47 -17.70
C ASN A 586 12.92 17.98 -16.67
N TYR A 587 12.71 16.79 -16.09
CA TYR A 587 13.70 16.27 -15.16
C TYR A 587 15.01 15.93 -15.87
N PHE A 588 14.94 15.57 -17.16
CA PHE A 588 16.10 15.07 -17.89
C PHE A 588 16.64 16.06 -18.92
N GLU A 589 16.32 17.35 -18.79
CA GLU A 589 16.76 18.32 -19.79
C GLU A 589 18.27 18.43 -19.92
N PRO A 590 19.06 18.53 -18.83
CA PRO A 590 20.52 18.60 -19.03
C PRO A 590 21.09 17.35 -19.67
N LEU A 591 20.64 16.17 -19.25
CA LEU A 591 21.09 14.93 -19.86
C LEU A 591 20.68 14.87 -21.32
N PHE A 592 19.47 15.32 -21.63
CA PHE A 592 19.01 15.32 -23.03
C PHE A 592 19.85 16.25 -23.89
N THR A 593 20.17 17.45 -23.39
CA THR A 593 20.99 18.37 -24.15
C THR A 593 22.40 17.82 -24.36
N TRP A 594 22.98 17.22 -23.33
CA TRP A 594 24.30 16.61 -23.48
C TRP A 594 24.26 15.44 -24.47
N LEU A 595 23.18 14.66 -24.43
CA LEU A 595 23.03 13.55 -25.37
C LEU A 595 22.97 14.05 -26.81
N LYS A 596 22.20 15.11 -27.06
CA LYS A 596 22.20 15.72 -28.38
C LYS A 596 23.59 16.24 -28.74
N ASP A 597 24.30 16.79 -27.75
CA ASP A 597 25.63 17.34 -28.01
C ASP A 597 26.60 16.26 -28.49
N GLN A 598 26.56 15.08 -27.86
CA GLN A 598 27.49 14.01 -28.21
C GLN A 598 26.95 13.03 -29.24
N ASN A 599 25.75 13.28 -29.78
CA ASN A 599 25.20 12.44 -30.82
C ASN A 599 25.24 13.08 -32.21
N LYS A 600 25.95 14.20 -32.37
CA LYS A 600 26.04 14.83 -33.68
C LYS A 600 26.78 13.93 -34.67
N ASN A 601 27.86 13.30 -34.24
CA ASN A 601 28.67 12.45 -35.12
C ASN A 601 28.16 11.02 -35.20
N SER A 602 27.15 10.65 -34.42
CA SER A 602 26.61 9.31 -34.42
C SER A 602 25.29 9.27 -35.21
N PHE A 603 24.72 8.08 -35.28
CA PHE A 603 23.45 7.86 -35.98
C PHE A 603 22.35 7.67 -34.96
N VAL A 604 21.25 8.42 -35.12
CA VAL A 604 20.10 8.35 -34.25
C VAL A 604 18.98 7.64 -34.97
N GLY A 605 18.42 6.58 -34.38
CA GLY A 605 17.39 5.76 -35.05
C GLY A 605 17.84 4.33 -35.32
N TRP A 606 16.94 3.44 -35.72
CA TRP A 606 17.28 2.02 -36.01
C TRP A 606 16.53 1.46 -37.21
N SER A 607 17.10 0.44 -37.86
CA SER A 607 16.43 -0.22 -39.00
C SER A 607 15.88 -1.56 -38.52
N THR A 608 14.60 -1.81 -38.77
CA THR A 608 13.96 -3.05 -38.25
C THR A 608 14.32 -4.22 -39.16
N ASP A 609 15.60 -4.37 -39.48
CA ASP A 609 16.07 -5.48 -40.34
C ASP A 609 17.57 -5.73 -40.15
N TRP A 610 18.06 -5.85 -38.92
CA TRP A 610 19.46 -6.31 -38.76
C TRP A 610 19.39 -7.50 -37.81
N SER A 611 19.52 -8.71 -38.35
CA SER A 611 19.42 -9.93 -37.52
C SER A 611 20.83 -10.39 -37.16
N PRO A 612 21.13 -10.67 -35.88
CA PRO A 612 22.41 -11.18 -35.50
C PRO A 612 22.46 -12.65 -35.90
N TYR A 613 21.87 -13.00 -37.04
CA TYR A 613 21.80 -14.40 -37.52
C TYR A 613 21.38 -14.32 -38.98
N ALA A 614 21.97 -13.36 -39.70
CA ALA A 614 21.60 -13.14 -41.12
C ALA A 614 20.15 -12.65 -41.21
N THR B 15 -14.85 12.81 57.37
CA THR B 15 -15.15 12.09 56.14
C THR B 15 -15.32 10.60 56.40
N ASN B 16 -16.20 9.95 55.64
CA ASN B 16 -16.49 8.53 55.79
C ASN B 16 -15.83 7.68 54.71
N LEU B 17 -15.13 8.29 53.76
CA LEU B 17 -14.46 7.59 52.67
C LEU B 17 -15.43 6.68 51.92
N CYS B 18 -16.27 7.32 51.10
CA CYS B 18 -17.15 6.56 50.19
C CYS B 18 -16.25 5.69 49.33
N PRO B 19 -16.76 4.57 48.79
CA PRO B 19 -15.94 3.68 47.99
C PRO B 19 -15.43 4.34 46.70
N PHE B 20 -15.10 5.63 46.76
CA PHE B 20 -14.51 6.27 45.57
C PHE B 20 -13.28 5.45 45.22
N HIS B 21 -12.99 4.42 46.03
CA HIS B 21 -11.86 3.53 45.69
C HIS B 21 -12.38 2.10 45.48
N GLU B 22 -13.67 1.94 45.28
CA GLU B 22 -14.22 0.61 44.94
C GLU B 22 -14.74 0.77 43.52
N VAL B 23 -15.22 1.97 43.19
CA VAL B 23 -15.60 2.25 41.79
C VAL B 23 -14.31 2.35 40.99
N PHE B 24 -13.58 3.44 41.13
CA PHE B 24 -12.34 3.67 40.34
C PHE B 24 -11.31 2.62 40.70
N ASN B 25 -11.75 1.47 41.22
CA ASN B 25 -10.81 0.42 41.63
C ASN B 25 -11.55 -0.91 41.69
N ALA B 26 -11.61 -1.64 40.58
CA ALA B 26 -12.40 -2.88 40.54
C ALA B 26 -11.66 -3.90 39.68
N THR B 27 -12.14 -5.13 39.68
CA THR B 27 -11.37 -6.17 38.95
C THR B 27 -11.90 -6.26 37.54
N THR B 28 -13.17 -5.90 37.34
CA THR B 28 -13.84 -6.04 36.07
C THR B 28 -14.98 -5.03 35.98
N PHE B 29 -15.11 -4.38 34.84
CA PHE B 29 -16.23 -3.49 34.57
C PHE B 29 -17.25 -4.19 33.68
N ALA B 30 -18.27 -3.45 33.27
CA ALA B 30 -19.32 -3.96 32.40
C ALA B 30 -19.11 -3.44 30.97
N SER B 31 -19.98 -3.89 30.08
CA SER B 31 -19.86 -3.53 28.67
C SER B 31 -20.30 -2.08 28.46
N VAL B 32 -20.11 -1.61 27.22
CA VAL B 32 -20.47 -0.24 26.89
C VAL B 32 -21.97 -0.01 27.04
N TYR B 33 -22.77 -0.98 26.58
CA TYR B 33 -24.22 -0.87 26.66
C TYR B 33 -24.76 -1.16 28.06
N ALA B 34 -24.08 -1.83 29.00
CA ALA B 34 -24.74 -1.99 30.34
C ALA B 34 -24.68 -0.64 31.04
N TRP B 35 -23.57 -0.29 31.67
CA TRP B 35 -23.37 1.08 32.21
C TRP B 35 -23.82 1.15 33.68
N ASN B 36 -23.11 0.47 34.58
CA ASN B 36 -23.45 0.41 36.04
C ASN B 36 -23.59 1.78 36.67
N ARG B 37 -24.05 1.83 37.91
CA ARG B 37 -24.33 3.14 38.54
C ARG B 37 -24.46 2.99 40.06
N LYS B 38 -23.45 3.42 40.82
CA LYS B 38 -23.56 3.41 42.29
C LYS B 38 -23.98 4.82 42.73
N ARG B 39 -24.63 4.96 43.88
CA ARG B 39 -25.15 6.29 44.27
C ARG B 39 -24.10 7.06 45.07
N ILE B 40 -23.01 6.40 45.45
CA ILE B 40 -21.97 7.06 46.30
C ILE B 40 -22.69 8.06 47.21
N SER B 41 -22.48 9.36 46.96
CA SER B 41 -23.10 10.42 47.81
C SER B 41 -23.17 9.94 49.27
N ASN B 42 -22.02 9.69 49.90
CA ASN B 42 -22.00 9.25 51.28
C ASN B 42 -20.89 9.83 52.14
N CYS B 43 -19.99 10.65 51.57
CA CYS B 43 -18.88 11.16 52.36
C CYS B 43 -18.40 12.47 51.75
N VAL B 44 -17.22 12.91 52.18
CA VAL B 44 -16.62 14.15 51.69
C VAL B 44 -15.80 13.83 50.44
N ALA B 45 -15.97 14.66 49.41
CA ALA B 45 -15.25 14.46 48.16
C ALA B 45 -13.74 14.57 48.37
N ASP B 46 -13.00 13.70 47.70
CA ASP B 46 -11.56 13.55 47.87
C ASP B 46 -10.87 13.50 46.52
N TYR B 47 -11.16 14.46 45.65
CA TYR B 47 -10.65 14.46 44.28
C TYR B 47 -9.13 14.52 44.20
N SER B 48 -8.44 14.59 45.35
CA SER B 48 -6.98 14.57 45.34
C SER B 48 -6.46 13.27 44.73
N VAL B 49 -7.05 12.13 45.10
CA VAL B 49 -6.63 10.86 44.53
C VAL B 49 -6.99 10.78 43.05
N ILE B 50 -8.05 11.50 42.64
CA ILE B 50 -8.44 11.49 41.23
C ILE B 50 -7.34 12.07 40.36
N TYR B 51 -6.75 13.19 40.79
CA TYR B 51 -5.62 13.75 40.06
C TYR B 51 -4.42 12.83 40.06
N ASN B 52 -4.36 11.87 40.98
CA ASN B 52 -3.31 10.87 41.04
C ASN B 52 -3.74 9.64 40.23
N PHE B 53 -3.06 8.52 40.40
CA PHE B 53 -3.37 7.25 39.74
C PHE B 53 -3.19 7.37 38.22
N ALA B 54 -1.92 7.62 37.85
CA ALA B 54 -1.42 7.55 36.48
C ALA B 54 -1.88 8.73 35.64
N PRO B 55 -1.13 9.13 34.61
CA PRO B 55 -1.59 10.21 33.73
C PRO B 55 -2.87 9.83 33.00
N PHE B 56 -3.67 10.83 32.69
CA PHE B 56 -4.99 10.65 32.09
C PHE B 56 -4.97 11.10 30.64
N PHE B 57 -5.62 10.32 29.78
CA PHE B 57 -5.77 10.71 28.38
C PHE B 57 -6.68 11.92 28.23
N ALA B 58 -7.59 12.15 29.17
CA ALA B 58 -8.50 13.28 29.10
C ALA B 58 -9.07 13.57 30.48
N PHE B 59 -9.02 14.85 30.88
CA PHE B 59 -9.68 15.33 32.10
C PHE B 59 -10.46 16.57 31.68
N LYS B 60 -11.75 16.38 31.41
CA LYS B 60 -12.56 17.35 30.68
C LYS B 60 -13.84 17.67 31.42
N CYS B 61 -13.73 18.02 32.70
CA CYS B 61 -14.91 18.47 33.44
C CYS B 61 -15.58 19.64 32.75
N TYR B 62 -16.90 19.46 32.58
CA TYR B 62 -17.77 20.48 31.98
C TYR B 62 -18.82 20.78 33.05
N GLY B 63 -18.86 22.03 33.50
CA GLY B 63 -19.80 22.42 34.57
C GLY B 63 -19.07 22.91 35.82
N VAL B 64 -17.82 22.50 36.00
CA VAL B 64 -17.01 22.96 37.17
C VAL B 64 -15.54 22.98 36.78
N SER B 65 -14.66 23.09 37.77
CA SER B 65 -13.20 23.03 37.51
C SER B 65 -12.57 22.08 38.51
N PRO B 66 -11.46 21.40 38.18
CA PRO B 66 -10.86 20.43 39.07
C PRO B 66 -10.62 21.00 40.47
N THR B 67 -9.45 21.61 40.69
CA THR B 67 -9.12 22.12 42.04
C THR B 67 -10.34 22.81 42.64
N LYS B 68 -11.01 23.64 41.85
CA LYS B 68 -12.21 24.36 42.32
C LYS B 68 -13.07 23.40 43.13
N LEU B 69 -13.07 22.12 42.75
CA LEU B 69 -13.90 21.11 43.45
C LEU B 69 -13.32 20.88 44.86
N ASN B 70 -13.56 19.69 45.42
CA ASN B 70 -13.12 19.43 46.81
C ASN B 70 -13.55 20.67 47.60
N ASP B 71 -14.64 21.30 47.17
CA ASP B 71 -15.10 22.56 47.81
C ASP B 71 -16.42 22.95 47.16
N LEU B 72 -17.35 22.00 47.02
CA LEU B 72 -18.66 22.29 46.46
C LEU B 72 -19.65 21.25 46.97
N CYS B 73 -20.86 21.68 47.36
CA CYS B 73 -21.85 20.77 47.90
C CYS B 73 -22.73 20.25 46.76
N PHE B 74 -22.61 18.97 46.46
CA PHE B 74 -23.38 18.30 45.43
C PHE B 74 -24.41 17.40 46.10
N THR B 75 -25.68 17.51 45.66
CA THR B 75 -26.74 16.71 46.27
C THR B 75 -26.53 15.22 46.00
N ASN B 76 -26.15 14.86 44.78
CA ASN B 76 -25.96 13.46 44.43
C ASN B 76 -24.91 13.38 43.32
N VAL B 77 -23.95 12.48 43.52
CA VAL B 77 -22.87 12.29 42.51
C VAL B 77 -22.93 10.83 42.05
N TYR B 78 -23.55 10.58 40.90
CA TYR B 78 -23.70 9.19 40.42
C TYR B 78 -22.38 8.77 39.77
N ALA B 79 -21.98 7.54 40.02
CA ALA B 79 -20.77 6.99 39.39
C ALA B 79 -21.19 6.10 38.21
N ASP B 80 -20.46 6.18 37.11
CA ASP B 80 -20.80 5.41 35.89
C ASP B 80 -19.51 4.85 35.31
N SER B 81 -19.48 3.57 34.98
CA SER B 81 -18.20 2.97 34.52
C SER B 81 -18.33 2.13 33.25
N PHE B 82 -17.30 2.13 32.38
CA PHE B 82 -17.25 1.35 31.15
C PHE B 82 -15.89 1.58 30.50
N VAL B 83 -15.55 0.70 29.56
CA VAL B 83 -14.29 0.79 28.84
C VAL B 83 -14.59 0.82 27.34
N ILE B 84 -13.91 1.72 26.63
CA ILE B 84 -14.08 1.86 25.19
C ILE B 84 -12.71 2.01 24.55
N ARG B 85 -12.67 2.16 23.23
CA ARG B 85 -11.41 2.32 22.50
C ARG B 85 -10.97 3.78 22.52
N GLY B 86 -9.71 4.00 22.13
CA GLY B 86 -9.10 5.31 22.32
C GLY B 86 -9.77 6.41 21.50
N ASN B 87 -10.01 6.13 20.21
CA ASN B 87 -10.55 7.17 19.33
C ASN B 87 -12.00 7.51 19.64
N GLU B 88 -12.70 6.70 20.42
CA GLU B 88 -14.09 6.95 20.76
C GLU B 88 -14.28 7.57 22.14
N VAL B 89 -13.19 7.93 22.82
CA VAL B 89 -13.30 8.56 24.13
C VAL B 89 -13.92 9.95 24.01
N SER B 90 -13.61 10.67 22.94
CA SER B 90 -14.10 12.02 22.73
C SER B 90 -15.61 12.09 22.53
N GLN B 91 -16.27 10.96 22.29
CA GLN B 91 -17.71 10.96 22.04
C GLN B 91 -18.53 11.08 23.31
N ILE B 92 -17.92 10.95 24.48
CA ILE B 92 -18.65 11.08 25.76
C ILE B 92 -18.61 12.56 26.12
N ALA B 93 -19.53 13.31 25.52
CA ALA B 93 -19.60 14.76 25.68
C ALA B 93 -20.89 15.29 25.08
N PRO B 94 -21.41 16.41 25.58
CA PRO B 94 -22.63 16.98 24.99
C PRO B 94 -22.40 17.44 23.56
N GLY B 95 -23.47 17.38 22.76
CA GLY B 95 -23.39 17.85 21.39
C GLY B 95 -22.56 17.00 20.47
N GLN B 96 -22.37 15.72 20.80
CA GLN B 96 -21.56 14.81 20.00
C GLN B 96 -22.43 13.72 19.40
N THR B 97 -22.22 13.45 18.11
CA THR B 97 -22.92 12.41 17.39
C THR B 97 -21.93 11.33 16.98
N GLY B 98 -22.23 10.09 17.35
CA GLY B 98 -21.32 8.99 17.05
C GLY B 98 -21.97 7.67 17.39
N ASN B 99 -21.23 6.60 17.12
CA ASN B 99 -21.75 5.25 17.35
C ASN B 99 -22.09 5.03 18.81
N ILE B 100 -21.19 5.41 19.72
CA ILE B 100 -21.47 5.29 21.14
C ILE B 100 -22.53 6.30 21.57
N ALA B 101 -22.41 7.54 21.11
CA ALA B 101 -23.33 8.59 21.55
C ALA B 101 -24.76 8.30 21.09
N ASP B 102 -24.93 7.91 19.82
CA ASP B 102 -26.27 7.69 19.29
C ASP B 102 -26.91 6.41 19.77
N TYR B 103 -26.13 5.35 19.98
CA TYR B 103 -26.69 4.03 20.22
C TYR B 103 -26.33 3.40 21.56
N ASN B 104 -25.48 4.04 22.36
CA ASN B 104 -25.16 3.51 23.71
C ASN B 104 -25.53 4.54 24.79
N TYR B 105 -24.62 4.95 25.66
CA TYR B 105 -24.86 5.96 26.72
C TYR B 105 -24.89 7.36 26.15
N LYS B 106 -25.83 8.21 26.58
CA LYS B 106 -25.99 9.57 25.97
C LYS B 106 -25.69 10.63 27.01
N LEU B 107 -25.11 11.75 26.56
CA LEU B 107 -24.88 12.79 27.54
C LEU B 107 -25.73 14.00 27.20
N PRO B 108 -26.44 14.58 28.15
CA PRO B 108 -27.31 15.73 27.84
C PRO B 108 -26.50 16.95 27.45
N ASP B 109 -27.12 17.81 26.63
CA ASP B 109 -26.49 19.03 26.17
C ASP B 109 -26.20 20.01 27.30
N ASP B 110 -26.84 19.85 28.46
CA ASP B 110 -26.61 20.69 29.63
C ASP B 110 -25.90 19.92 30.73
N PHE B 111 -24.95 19.07 30.35
CA PHE B 111 -24.23 18.24 31.32
C PHE B 111 -23.32 19.08 32.19
N THR B 112 -23.11 18.62 33.43
CA THR B 112 -22.22 19.26 34.39
C THR B 112 -21.56 18.17 35.21
N GLY B 113 -20.31 17.87 34.90
CA GLY B 113 -19.59 16.84 35.62
C GLY B 113 -18.16 16.72 35.11
N CYS B 114 -17.51 15.61 35.45
CA CYS B 114 -16.16 15.32 35.00
C CYS B 114 -16.14 13.99 34.24
N VAL B 115 -15.19 13.88 33.32
CA VAL B 115 -14.94 12.66 32.56
C VAL B 115 -13.50 12.26 32.81
N ILE B 116 -13.31 11.03 33.28
CA ILE B 116 -12.00 10.53 33.66
C ILE B 116 -11.70 9.27 32.86
N ALA B 117 -10.61 9.28 32.11
CA ALA B 117 -10.23 8.17 31.24
C ALA B 117 -8.73 7.94 31.32
N TRP B 118 -8.33 6.67 31.36
CA TRP B 118 -6.93 6.29 31.37
C TRP B 118 -6.77 4.93 30.72
N ASN B 119 -5.62 4.72 30.09
CA ASN B 119 -5.37 3.49 29.35
C ASN B 119 -5.32 2.30 30.29
N SER B 120 -5.84 1.16 29.81
CA SER B 120 -5.85 -0.09 30.57
C SER B 120 -5.47 -1.27 29.68
N ASN B 121 -4.41 -1.10 28.88
CA ASN B 121 -4.00 -2.15 27.96
C ASN B 121 -3.54 -3.40 28.72
N LYS B 122 -2.81 -3.21 29.82
CA LYS B 122 -2.25 -4.35 30.53
C LYS B 122 -3.33 -5.20 31.19
N LEU B 123 -4.44 -4.56 31.59
CA LEU B 123 -5.49 -5.26 32.32
C LEU B 123 -6.53 -5.90 31.41
N ASP B 124 -7.02 -5.17 30.42
CA ASP B 124 -8.19 -5.57 29.63
C ASP B 124 -7.81 -5.95 28.19
N SER B 125 -6.70 -6.67 28.02
CA SER B 125 -6.30 -7.11 26.70
C SER B 125 -5.66 -8.48 26.80
N LYS B 126 -5.86 -9.30 25.75
CA LYS B 126 -5.28 -10.63 25.65
C LYS B 126 -4.68 -10.83 24.27
N PRO B 127 -3.57 -11.57 24.18
CA PRO B 127 -2.99 -11.84 22.85
C PRO B 127 -3.97 -12.53 21.90
N SER B 128 -4.79 -13.44 22.41
CA SER B 128 -5.78 -14.11 21.56
C SER B 128 -6.94 -13.18 21.22
N GLY B 129 -7.35 -12.34 22.16
CA GLY B 129 -8.45 -11.43 21.93
C GLY B 129 -9.45 -11.41 23.06
N ASN B 130 -9.90 -10.23 23.46
CA ASN B 130 -10.86 -10.06 24.55
C ASN B 130 -12.21 -9.73 23.94
N TYR B 131 -13.12 -10.69 24.02
CA TYR B 131 -14.44 -10.55 23.39
C TYR B 131 -15.51 -10.56 24.48
N ASN B 132 -15.17 -10.08 25.66
CA ASN B 132 -16.12 -10.01 26.77
C ASN B 132 -16.77 -8.63 26.91
N TYR B 133 -16.38 -7.66 26.10
CA TYR B 133 -16.97 -6.33 26.15
C TYR B 133 -17.76 -6.09 24.87
N LEU B 134 -19.04 -5.74 25.03
CA LEU B 134 -19.97 -5.67 23.92
C LEU B 134 -20.54 -4.25 23.78
N TYR B 135 -20.78 -3.85 22.53
CA TYR B 135 -21.40 -2.56 22.26
C TYR B 135 -22.37 -2.72 21.10
N ARG B 136 -23.44 -1.92 21.14
CA ARG B 136 -24.48 -1.96 20.12
C ARG B 136 -24.09 -1.11 18.92
N LEU B 137 -24.48 -1.58 17.73
CA LEU B 137 -24.11 -0.90 16.50
C LEU B 137 -25.34 -0.36 15.76
N PHE B 138 -26.43 -1.08 15.78
CA PHE B 138 -27.58 -0.61 14.99
C PHE B 138 -28.74 -0.38 15.93
N ARG B 139 -29.46 0.71 15.77
CA ARG B 139 -30.70 0.84 16.57
C ARG B 139 -31.84 1.47 15.75
N LYS B 140 -33.02 0.87 15.79
CA LYS B 140 -34.20 1.36 15.03
C LYS B 140 -34.74 2.65 15.63
N SER B 141 -33.91 3.40 16.35
CA SER B 141 -34.31 4.71 16.93
C SER B 141 -33.12 5.26 17.70
N LYS B 142 -33.27 6.41 18.35
CA LYS B 142 -32.06 7.00 18.99
C LYS B 142 -32.11 6.83 20.50
N LEU B 143 -31.08 7.32 21.18
CA LEU B 143 -30.97 7.17 22.61
C LEU B 143 -31.32 8.48 23.32
N LYS B 144 -32.26 8.42 24.25
CA LYS B 144 -32.56 9.56 25.08
C LYS B 144 -31.48 9.72 26.15
N PRO B 145 -31.37 10.91 26.80
CA PRO B 145 -30.40 11.14 27.88
C PRO B 145 -30.54 10.30 29.16
N PHE B 146 -29.42 9.82 29.70
CA PHE B 146 -29.40 8.97 30.92
C PHE B 146 -30.51 7.92 30.82
N GLU B 147 -30.31 6.95 29.92
CA GLU B 147 -31.31 5.87 29.74
C GLU B 147 -30.59 4.61 29.28
N ARG B 148 -31.00 3.45 29.80
CA ARG B 148 -30.38 2.24 29.31
C ARG B 148 -31.36 1.42 28.47
N ASP B 149 -30.81 0.47 27.71
CA ASP B 149 -31.62 -0.42 26.89
C ASP B 149 -30.79 -1.69 26.67
N ILE B 150 -31.29 -2.76 27.27
CA ILE B 150 -30.68 -4.11 27.14
C ILE B 150 -31.71 -4.95 26.41
N SER B 151 -31.33 -5.66 25.37
CA SER B 151 -32.29 -6.42 24.56
C SER B 151 -31.54 -7.03 23.39
N THR B 152 -31.82 -8.28 23.07
CA THR B 152 -31.10 -8.95 21.98
C THR B 152 -31.99 -9.01 20.73
N GLU B 153 -33.25 -8.57 20.84
CA GLU B 153 -34.21 -8.63 19.70
C GLU B 153 -33.48 -8.32 18.40
N ILE B 154 -33.61 -9.20 17.42
CA ILE B 154 -32.86 -9.01 16.15
C ILE B 154 -33.36 -7.72 15.48
N TYR B 155 -32.54 -6.98 14.75
CA TYR B 155 -33.00 -5.70 14.16
C TYR B 155 -33.20 -5.93 12.67
N GLN B 156 -34.38 -5.59 12.15
CA GLN B 156 -34.69 -5.91 10.73
C GLN B 156 -34.22 -4.77 9.84
N ALA B 157 -33.41 -5.06 8.83
CA ALA B 157 -33.05 -4.00 7.89
C ALA B 157 -34.17 -3.85 6.86
N GLY B 158 -34.51 -4.93 6.14
CA GLY B 158 -35.51 -4.87 5.04
C GLY B 158 -36.95 -4.77 5.51
N ASN B 159 -37.92 -5.13 4.67
CA ASN B 159 -39.35 -4.95 5.06
C ASN B 159 -40.01 -6.32 5.28
N LYS B 160 -39.23 -7.40 5.24
CA LYS B 160 -39.77 -8.75 5.56
C LYS B 160 -39.46 -9.07 7.02
N PRO B 161 -40.45 -9.03 7.94
CA PRO B 161 -40.21 -9.38 9.35
C PRO B 161 -39.40 -10.69 9.41
N CYS B 162 -38.68 -10.97 10.51
CA CYS B 162 -37.74 -12.13 10.53
C CYS B 162 -38.14 -13.29 11.45
N ASN B 163 -38.86 -13.03 12.53
CA ASN B 163 -39.25 -14.10 13.50
C ASN B 163 -38.04 -14.45 14.38
N GLY B 164 -37.13 -13.49 14.60
CA GLY B 164 -35.97 -13.67 15.46
C GLY B 164 -34.97 -14.69 14.98
N VAL B 165 -34.67 -14.69 13.67
CA VAL B 165 -33.71 -15.62 13.08
C VAL B 165 -32.71 -14.83 12.27
N ALA B 166 -31.43 -15.13 12.41
CA ALA B 166 -30.38 -14.38 11.68
C ALA B 166 -30.62 -14.57 10.18
N GLY B 167 -29.95 -13.76 9.35
CA GLY B 167 -30.07 -14.01 7.89
C GLY B 167 -30.36 -12.79 7.04
N SER B 168 -30.92 -13.00 5.84
CA SER B 168 -31.18 -11.89 4.88
C SER B 168 -31.66 -10.63 5.58
N ASN B 169 -31.07 -9.51 5.22
CA ASN B 169 -31.43 -8.23 5.88
C ASN B 169 -31.89 -8.50 7.31
N CYS B 170 -31.24 -9.43 8.01
CA CYS B 170 -31.56 -9.61 9.45
C CYS B 170 -30.24 -9.60 10.22
N TYR B 171 -30.18 -8.86 11.35
CA TYR B 171 -28.88 -8.67 12.07
C TYR B 171 -29.00 -8.71 13.60
N SER B 172 -28.02 -9.33 14.27
CA SER B 172 -27.94 -9.36 15.75
C SER B 172 -27.26 -8.09 16.21
N PRO B 173 -27.76 -7.34 17.18
CA PRO B 173 -27.15 -6.05 17.45
C PRO B 173 -25.74 -6.10 18.07
N LEU B 174 -25.63 -6.08 19.41
CA LEU B 174 -24.33 -6.03 20.14
C LEU B 174 -23.20 -6.79 19.45
N GLN B 175 -22.08 -6.13 19.17
CA GLN B 175 -20.91 -6.80 18.54
C GLN B 175 -19.73 -6.75 19.49
N SER B 176 -18.74 -7.62 19.29
CA SER B 176 -17.62 -7.79 20.20
C SER B 176 -16.43 -6.94 19.75
N TYR B 177 -15.63 -6.52 20.73
CA TYR B 177 -14.48 -5.67 20.48
C TYR B 177 -13.28 -6.44 19.96
N GLY B 178 -12.77 -7.39 20.76
CA GLY B 178 -11.62 -8.16 20.36
C GLY B 178 -10.31 -7.44 20.58
N PHE B 179 -10.06 -7.01 21.81
CA PHE B 179 -8.86 -6.26 22.14
C PHE B 179 -7.63 -7.15 22.09
N ARG B 180 -6.54 -6.60 21.57
CA ARG B 180 -5.25 -7.28 21.52
C ARG B 180 -4.15 -6.30 21.91
N PRO B 181 -3.09 -6.79 22.55
CA PRO B 181 -2.07 -5.87 23.08
C PRO B 181 -1.33 -5.07 22.02
N THR B 182 -1.30 -5.56 20.78
CA THR B 182 -0.54 -4.89 19.73
C THR B 182 -1.36 -3.83 18.99
N TYR B 183 -2.57 -3.53 19.45
CA TYR B 183 -3.40 -2.52 18.81
C TYR B 183 -2.79 -1.13 18.99
N GLY B 184 -3.25 -0.21 18.16
CA GLY B 184 -2.81 1.17 18.23
C GLY B 184 -3.49 1.92 19.37
N VAL B 185 -3.03 3.16 19.56
CA VAL B 185 -3.51 3.98 20.68
C VAL B 185 -5.01 4.21 20.57
N GLY B 186 -5.51 4.35 19.34
CA GLY B 186 -6.94 4.59 19.15
C GLY B 186 -7.80 3.36 19.37
N HIS B 187 -7.22 2.16 19.35
CA HIS B 187 -7.97 0.93 19.50
C HIS B 187 -7.67 0.21 20.82
N GLN B 188 -6.69 0.71 21.60
CA GLN B 188 -6.41 0.08 22.88
C GLN B 188 -7.52 0.39 23.87
N PRO B 189 -7.79 -0.52 24.82
CA PRO B 189 -8.85 -0.27 25.81
C PRO B 189 -8.52 0.96 26.65
N TYR B 190 -9.55 1.77 26.89
CA TYR B 190 -9.43 2.96 27.72
C TYR B 190 -10.54 2.95 28.75
N ARG B 191 -10.17 2.74 30.01
CA ARG B 191 -11.14 2.68 31.10
C ARG B 191 -11.63 4.08 31.42
N VAL B 192 -12.95 4.28 31.33
CA VAL B 192 -13.56 5.60 31.44
C VAL B 192 -14.56 5.58 32.59
N VAL B 193 -14.46 6.57 33.47
CA VAL B 193 -15.43 6.79 34.53
C VAL B 193 -15.92 8.22 34.41
N VAL B 194 -17.24 8.39 34.31
CA VAL B 194 -17.86 9.70 34.14
C VAL B 194 -18.68 10.01 35.40
N LEU B 195 -18.58 11.21 35.96
CA LEU B 195 -19.28 11.46 37.25
C LEU B 195 -20.47 12.37 37.01
N SER B 196 -21.52 12.26 37.84
CA SER B 196 -22.75 13.06 37.59
C SER B 196 -22.94 14.12 38.68
N PHE B 197 -23.51 15.28 38.30
CA PHE B 197 -23.76 16.37 39.28
C PHE B 197 -25.14 17.00 39.04
N GLU B 198 -26.12 16.74 39.90
CA GLU B 198 -27.47 17.28 39.81
C GLU B 198 -27.85 17.82 41.19
N LEU B 199 -28.89 18.66 41.20
CA LEU B 199 -29.37 19.29 42.43
C LEU B 199 -30.82 18.89 42.66
N LEU B 200 -31.19 18.80 43.94
CA LEU B 200 -32.53 18.41 44.33
C LEU B 200 -32.97 19.28 45.51
N HIS B 201 -34.28 19.29 45.76
CA HIS B 201 -34.84 20.07 46.85
C HIS B 201 -34.41 19.58 48.22
N ALA B 202 -33.87 18.37 48.32
CA ALA B 202 -33.41 17.86 49.60
C ALA B 202 -32.21 18.66 50.10
N PRO B 203 -32.08 18.85 51.41
CA PRO B 203 -30.94 19.61 51.94
C PRO B 203 -29.61 18.94 51.59
N ALA B 204 -28.61 19.77 51.31
CA ALA B 204 -27.29 19.28 50.96
C ALA B 204 -26.53 18.88 52.22
N THR B 205 -26.09 17.62 52.27
CA THR B 205 -25.38 17.10 53.43
C THR B 205 -24.10 16.39 53.00
N VAL B 206 -24.08 15.88 51.78
CA VAL B 206 -22.93 15.09 51.28
C VAL B 206 -21.96 16.09 50.66
N CYS B 207 -21.14 16.70 51.52
CA CYS B 207 -20.07 17.58 51.09
C CYS B 207 -19.19 17.91 52.30
N GLY B 208 -18.01 18.43 52.02
CA GLY B 208 -17.05 18.74 53.06
C GLY B 208 -17.40 20.01 53.80
N PRO B 209 -16.70 20.32 54.92
CA PRO B 209 -17.04 21.51 55.72
C PRO B 209 -17.13 22.76 54.84
#